data_5WH6
#
_entry.id   5WH6
#
_cell.length_a   58.948
_cell.length_b   80.197
_cell.length_c   163.670
_cell.angle_alpha   90.00
_cell.angle_beta   90.00
_cell.angle_gamma   90.00
#
_symmetry.space_group_name_H-M   'P 21 21 21'
#
loop_
_entity.id
_entity.type
_entity.pdbx_description
1 polymer "cAMP-specific 3',5'-cyclic phosphodiesterase 4D"
2 non-polymer 1-[4-(difluoromethoxy)-3-{[(3S)-oxolan-3-yl]oxy}phenyl]-3-methylbutan-1-one
3 non-polymer 'ZINC ION'
4 non-polymer 'MAGNESIUM ION'
5 water water
#
_entity_poly.entity_id   1
_entity_poly.type   'polypeptide(L)'
_entity_poly.pdbx_seq_one_letter_code
;MASNKFKRMLNRELTHLSEMSRSGNQVSEFISNTFLDKQHEVEIPSPTQKEKEKKKRPMSQISGVKKLMHSSSLTNSSIP
RFGVKTEQEDVLAKELEDVNKWGLHVFRIAELSGNRPLTVIMHTIFQERDLLKTFKIPVDTLITYLMTLEDHYHADVAYH
NNIHAADVVQSTHVLLSTPALEAVFTDLEILAAIFASAIHDVDHPGVSNQFLINTNSELALMYNDSSVLENHHLAVGFKL
LQEENCDIFQNLTKKQRQSLRKMVIDIVLATDMSKHMNLLADLKTMVETKKVTSSGVLLLDNYSDRIQVLQNMVHCADLS
NPTKPLQLYRQWTDRIMEEFFRQGDRERERGMEISPMCDKHNASVEKSQVGFIDYIVHPLWETWADLVHPDAQDILDTLE
DNREWYQSTIPQSPSPAPDDPEEGRQGQTEKFQFELTLEEDGESDTEKDSGSQVEEDTSCSDSKTLCTQDSESTEIPLDE
QVEEEAVGEEEESQPEACVIDDRSPDT
;
_entity_poly.pdbx_strand_id   A,B
#
loop_
_chem_comp.id
_chem_comp.type
_chem_comp.name
_chem_comp.formula
AKJ non-polymer 1-[4-(difluoromethoxy)-3-{[(3S)-oxolan-3-yl]oxy}phenyl]-3-methylbutan-1-one 'C16 H20 F2 O4'
MG non-polymer 'MAGNESIUM ION' 'Mg 2'
ZN non-polymer 'ZINC ION' 'Zn 2'
#
# COMPACT_ATOMS: atom_id res chain seq x y z
N THR A 86 46.56 4.54 7.44
CA THR A 86 46.38 4.69 8.92
C THR A 86 46.15 6.14 9.35
N GLU A 87 46.72 7.10 8.61
CA GLU A 87 46.56 8.52 8.92
C GLU A 87 45.13 8.99 8.63
N GLN A 88 44.63 8.65 7.44
CA GLN A 88 43.25 8.94 7.07
C GLN A 88 42.27 8.17 7.94
N GLU A 89 42.65 6.94 8.31
CA GLU A 89 41.88 6.10 9.22
C GLU A 89 41.84 6.69 10.64
N ASP A 90 42.96 7.28 11.07
CA ASP A 90 43.02 7.94 12.38
C ASP A 90 42.07 9.15 12.42
N VAL A 91 42.08 9.93 11.35
CA VAL A 91 41.22 11.11 11.26
C VAL A 91 39.74 10.70 11.22
N LEU A 92 39.44 9.64 10.48
CA LEU A 92 38.07 9.11 10.42
C LEU A 92 37.59 8.67 11.80
N ALA A 93 38.44 7.93 12.51
CA ALA A 93 38.11 7.45 13.86
C ALA A 93 37.82 8.63 14.80
N LYS A 94 38.63 9.68 14.69
CA LYS A 94 38.43 10.89 15.47
C LYS A 94 37.05 11.49 15.18
N GLU A 95 36.73 11.65 13.90
CA GLU A 95 35.44 12.23 13.50
C GLU A 95 34.26 11.38 14.00
N LEU A 96 34.42 10.06 13.99
CA LEU A 96 33.35 9.16 14.45
C LEU A 96 33.12 9.20 15.96
N GLU A 97 34.05 9.80 16.71
CA GLU A 97 33.84 10.03 18.15
C GLU A 97 32.67 10.97 18.43
N ASP A 98 32.25 11.74 17.42
CA ASP A 98 31.10 12.65 17.53
C ASP A 98 29.76 12.02 17.18
N VAL A 99 29.71 10.69 17.05
CA VAL A 99 28.49 10.00 16.60
C VAL A 99 27.27 10.25 17.50
N ASN A 100 27.48 10.56 18.76
CA ASN A 100 26.37 10.85 19.67
C ASN A 100 25.94 12.32 19.67
N LYS A 101 26.53 13.14 18.79
CA LYS A 101 26.29 14.58 18.79
C LYS A 101 25.50 15.06 17.57
N TRP A 102 24.58 16.00 17.81
CA TRP A 102 23.85 16.66 16.74
C TRP A 102 24.84 17.57 16.02
N GLY A 103 24.93 17.43 14.70
CA GLY A 103 25.87 18.25 13.92
C GLY A 103 27.19 17.57 13.60
N LEU A 104 27.21 16.24 13.73
CA LEU A 104 28.30 15.40 13.21
C LEU A 104 28.72 15.86 11.82
N HIS A 105 30.02 15.82 11.53
CA HIS A 105 30.54 16.22 10.21
C HIS A 105 30.35 15.11 9.19
N VAL A 106 29.10 14.88 8.79
CA VAL A 106 28.79 13.71 7.96
C VAL A 106 29.41 13.77 6.55
N PHE A 107 29.54 14.98 5.99
CA PHE A 107 30.17 15.13 4.67
C PHE A 107 31.66 14.83 4.75
N ARG A 108 32.29 15.26 5.84
CA ARG A 108 33.70 14.95 6.09
C ARG A 108 33.88 13.44 6.24
N ILE A 109 32.99 12.81 7.00
CA ILE A 109 33.01 11.35 7.18
C ILE A 109 32.84 10.61 5.85
N ALA A 110 31.97 11.12 4.98
CA ALA A 110 31.76 10.51 3.66
C ALA A 110 33.06 10.49 2.85
N GLU A 111 33.81 11.59 2.89
CA GLU A 111 35.09 11.68 2.20
C GLU A 111 36.14 10.77 2.84
N LEU A 112 36.28 10.89 4.16
CA LEU A 112 37.31 10.15 4.91
C LEU A 112 37.11 8.64 4.87
N SER A 113 35.86 8.19 4.71
CA SER A 113 35.57 6.76 4.67
C SER A 113 35.61 6.17 3.26
N GLY A 114 35.97 6.97 2.26
CA GLY A 114 35.97 6.51 0.87
C GLY A 114 34.56 6.32 0.35
N ASN A 115 33.72 7.33 0.57
CA ASN A 115 32.30 7.30 0.24
C ASN A 115 31.54 6.11 0.83
N ARG A 116 31.83 5.81 2.09
CA ARG A 116 31.13 4.78 2.85
C ARG A 116 30.58 5.32 4.17
N PRO A 117 29.97 6.52 4.15
CA PRO A 117 29.45 7.06 5.41
C PRO A 117 28.38 6.18 6.06
N LEU A 118 27.51 5.58 5.27
CA LEU A 118 26.43 4.76 5.84
C LEU A 118 27.01 3.53 6.53
N THR A 119 27.96 2.87 5.88
CA THR A 119 28.60 1.68 6.45
C THR A 119 29.33 1.98 7.76
N VAL A 120 30.16 3.01 7.75
CA VAL A 120 30.97 3.31 8.93
C VAL A 120 30.14 3.86 10.08
N ILE A 121 29.16 4.71 9.76
CA ILE A 121 28.28 5.26 10.80
C ILE A 121 27.37 4.18 11.39
N MET A 122 26.80 3.32 10.55
CA MET A 122 25.98 2.20 11.04
C MET A 122 26.82 1.25 11.91
N HIS A 123 28.02 0.92 11.44
CA HIS A 123 28.88 0.02 12.21
C HIS A 123 29.19 0.62 13.57
N THR A 124 29.53 1.90 13.59
CA THR A 124 29.85 2.61 14.83
C THR A 124 28.68 2.62 15.80
N ILE A 125 27.47 2.87 15.28
CA ILE A 125 26.27 2.92 16.12
C ILE A 125 25.92 1.54 16.68
N PHE A 126 26.05 0.51 15.84
CA PHE A 126 25.79 -0.86 16.28
C PHE A 126 26.76 -1.26 17.40
N GLN A 127 28.03 -0.89 17.27
CA GLN A 127 29.03 -1.12 18.32
C GLN A 127 28.70 -0.32 19.58
N GLU A 128 28.40 0.97 19.40
CA GLU A 128 28.04 1.86 20.52
C GLU A 128 26.85 1.33 21.32
N ARG A 129 25.85 0.77 20.63
CA ARG A 129 24.65 0.26 21.29
C ARG A 129 24.71 -1.23 21.62
N ASP A 130 25.85 -1.87 21.36
CA ASP A 130 26.05 -3.29 21.66
C ASP A 130 25.07 -4.19 20.92
N LEU A 131 24.65 -3.78 19.73
CA LEU A 131 23.64 -4.49 18.96
C LEU A 131 24.16 -5.79 18.33
N LEU A 132 25.45 -5.85 18.02
CA LEU A 132 26.02 -7.07 17.46
C LEU A 132 25.95 -8.21 18.48
N LYS A 133 26.27 -7.91 19.73
CA LYS A 133 26.21 -8.91 20.81
C LYS A 133 24.77 -9.28 21.17
N THR A 134 23.93 -8.27 21.35
CA THR A 134 22.53 -8.47 21.74
C THR A 134 21.78 -9.38 20.75
N PHE A 135 22.01 -9.15 19.46
CA PHE A 135 21.29 -9.90 18.43
C PHE A 135 22.18 -10.90 17.69
N LYS A 136 23.37 -11.16 18.24
CA LYS A 136 24.29 -12.14 17.68
C LYS A 136 24.51 -11.93 16.18
N ILE A 137 24.80 -10.68 15.81
CA ILE A 137 25.05 -10.35 14.41
C ILE A 137 26.53 -10.55 14.11
N PRO A 138 26.87 -11.46 13.18
CA PRO A 138 28.28 -11.58 12.81
C PRO A 138 28.78 -10.29 12.16
N VAL A 139 29.94 -9.82 12.59
CA VAL A 139 30.50 -8.56 12.10
C VAL A 139 30.66 -8.54 10.58
N ASP A 140 31.14 -9.64 10.00
CA ASP A 140 31.32 -9.73 8.55
C ASP A 140 29.98 -9.65 7.80
N THR A 141 28.93 -10.23 8.40
CA THR A 141 27.59 -10.17 7.82
C THR A 141 27.08 -8.74 7.86
N LEU A 142 27.24 -8.06 8.99
CA LEU A 142 26.85 -6.66 9.10
C LEU A 142 27.54 -5.80 8.02
N ILE A 143 28.86 -5.91 7.92
CA ILE A 143 29.60 -5.11 6.97
C ILE A 143 29.21 -5.44 5.52
N THR A 144 29.00 -6.72 5.23
CA THR A 144 28.60 -7.14 3.91
C THR A 144 27.24 -6.55 3.56
N TYR A 145 26.26 -6.67 4.47
CA TYR A 145 24.95 -6.07 4.22
C TYR A 145 25.05 -4.56 4.03
N LEU A 146 25.76 -3.89 4.92
CA LEU A 146 25.84 -2.44 4.88
C LEU A 146 26.47 -1.92 3.58
N MET A 147 27.52 -2.60 3.12
CA MET A 147 28.17 -2.21 1.87
C MET A 147 27.25 -2.41 0.69
N THR A 148 26.50 -3.51 0.69
CA THR A 148 25.54 -3.77 -0.37
C THR A 148 24.38 -2.77 -0.34
N LEU A 149 23.84 -2.51 0.86
CA LEU A 149 22.80 -1.51 1.01
C LEU A 149 23.28 -0.17 0.50
N GLU A 150 24.45 0.26 0.97
CA GLU A 150 25.03 1.53 0.59
C GLU A 150 25.23 1.63 -0.94
N ASP A 151 25.65 0.54 -1.56
CA ASP A 151 25.80 0.45 -3.02
C ASP A 151 24.48 0.69 -3.76
N HIS A 152 23.35 0.36 -3.14
CA HIS A 152 22.05 0.52 -3.78
C HIS A 152 21.45 1.91 -3.60
N TYR A 153 22.14 2.79 -2.89
CA TYR A 153 21.88 4.22 -3.02
C TYR A 153 22.60 4.71 -4.26
N HIS A 154 22.01 5.69 -4.95
CA HIS A 154 22.54 6.20 -6.21
C HIS A 154 23.60 7.26 -5.97
N ALA A 155 24.84 6.94 -6.37
CA ALA A 155 25.97 7.86 -6.25
C ALA A 155 25.79 9.15 -7.04
N ASP A 156 24.95 9.13 -8.07
CA ASP A 156 24.74 10.28 -8.96
C ASP A 156 23.49 11.09 -8.65
N VAL A 157 22.87 10.85 -7.50
CA VAL A 157 21.74 11.64 -7.06
C VAL A 157 22.26 12.61 -6.00
N ALA A 158 21.91 13.90 -6.13
CA ALA A 158 22.56 14.95 -5.34
C ALA A 158 22.20 14.94 -3.85
N TYR A 159 20.94 14.61 -3.53
CA TYR A 159 20.46 14.65 -2.15
C TYR A 159 20.16 13.26 -1.61
N HIS A 160 19.26 12.54 -2.29
CA HIS A 160 18.83 11.21 -1.83
C HIS A 160 19.83 10.09 -2.11
N ASN A 161 20.98 10.18 -1.45
CA ASN A 161 22.10 9.26 -1.63
C ASN A 161 22.52 8.69 -0.27
N ASN A 162 23.61 7.93 -0.26
CA ASN A 162 24.13 7.30 0.95
C ASN A 162 24.49 8.29 2.09
N ILE A 163 24.83 9.52 1.75
CA ILE A 163 25.18 10.51 2.77
C ILE A 163 23.91 10.91 3.54
N HIS A 164 22.83 11.13 2.81
CA HIS A 164 21.52 11.38 3.43
C HIS A 164 21.10 10.22 4.32
N ALA A 165 21.23 8.99 3.83
CA ALA A 165 20.88 7.81 4.63
C ALA A 165 21.70 7.79 5.93
N ALA A 166 23.01 8.01 5.81
CA ALA A 166 23.89 8.03 6.98
C ALA A 166 23.48 9.12 7.97
N ASP A 167 23.11 10.28 7.44
CA ASP A 167 22.67 11.41 8.26
C ASP A 167 21.38 11.10 9.01
N VAL A 168 20.43 10.47 8.35
CA VAL A 168 19.15 10.13 9.00
C VAL A 168 19.36 9.05 10.06
N VAL A 169 20.21 8.06 9.75
CA VAL A 169 20.59 7.03 10.73
C VAL A 169 21.18 7.67 11.99
N GLN A 170 22.17 8.54 11.80
CA GLN A 170 22.84 9.17 12.93
C GLN A 170 21.92 10.11 13.72
N SER A 171 21.06 10.84 13.02
CA SER A 171 20.11 11.72 13.68
C SER A 171 19.12 10.92 14.52
N THR A 172 18.58 9.84 13.94
CA THR A 172 17.72 8.91 14.68
C THR A 172 18.44 8.37 15.93
N HIS A 173 19.71 7.99 15.76
CA HIS A 173 20.55 7.51 16.87
C HIS A 173 20.58 8.53 18.04
N VAL A 174 20.74 9.80 17.71
CA VAL A 174 20.76 10.84 18.73
C VAL A 174 19.38 11.01 19.36
N LEU A 175 18.33 11.04 18.54
CA LEU A 175 16.97 11.20 19.05
C LEU A 175 16.55 10.06 19.97
N LEU A 176 17.00 8.83 19.66
CA LEU A 176 16.73 7.66 20.50
C LEU A 176 17.31 7.80 21.92
N SER A 177 18.42 8.54 22.04
CA SER A 177 19.11 8.71 23.32
C SER A 177 18.58 9.86 24.18
N THR A 178 17.49 10.50 23.76
CA THR A 178 16.96 11.64 24.48
C THR A 178 16.51 11.22 25.89
N PRO A 179 16.87 12.01 26.93
CA PRO A 179 16.53 11.64 28.31
C PRO A 179 15.08 11.19 28.53
N ALA A 180 14.13 11.90 27.90
CA ALA A 180 12.71 11.60 28.05
C ALA A 180 12.27 10.22 27.54
N LEU A 181 13.14 9.55 26.78
CA LEU A 181 12.86 8.21 26.27
C LEU A 181 13.76 7.13 26.89
N GLU A 182 14.46 7.47 27.97
CA GLU A 182 15.37 6.53 28.62
C GLU A 182 14.66 5.25 29.07
N ALA A 183 15.16 4.11 28.61
CA ALA A 183 14.59 2.79 28.91
C ALA A 183 13.16 2.55 28.39
N VAL A 184 12.66 3.42 27.51
CA VAL A 184 11.29 3.28 26.99
C VAL A 184 11.20 2.17 25.96
N PHE A 185 12.12 2.19 25.00
CA PHE A 185 12.07 1.25 23.88
C PHE A 185 12.94 0.03 24.12
N THR A 186 12.52 -1.11 23.57
CA THR A 186 13.29 -2.35 23.68
C THR A 186 14.43 -2.30 22.69
N ASP A 187 15.37 -3.24 22.85
CA ASP A 187 16.47 -3.37 21.91
C ASP A 187 15.96 -3.65 20.49
N LEU A 188 14.88 -4.42 20.37
CA LEU A 188 14.33 -4.75 19.05
C LEU A 188 13.73 -3.51 18.39
N GLU A 189 13.06 -2.68 19.18
CA GLU A 189 12.49 -1.43 18.69
C GLU A 189 13.57 -0.45 18.26
N ILE A 190 14.65 -0.37 19.04
CA ILE A 190 15.81 0.44 18.70
C ILE A 190 16.44 -0.04 17.37
N LEU A 191 16.64 -1.35 17.25
CA LEU A 191 17.14 -1.95 16.00
C LEU A 191 16.25 -1.62 14.81
N ALA A 192 14.93 -1.69 15.02
CA ALA A 192 13.97 -1.37 13.96
C ALA A 192 14.10 0.06 13.49
N ALA A 193 14.18 1.00 14.43
CA ALA A 193 14.25 2.41 14.10
C ALA A 193 15.53 2.74 13.34
N ILE A 194 16.64 2.15 13.77
CA ILE A 194 17.93 2.42 13.14
C ILE A 194 18.00 1.77 11.75
N PHE A 195 17.54 0.52 11.65
CA PHE A 195 17.50 -0.18 10.37
C PHE A 195 16.57 0.53 9.37
N ALA A 196 15.39 0.91 9.84
CA ALA A 196 14.44 1.67 9.03
C ALA A 196 15.10 2.93 8.47
N SER A 197 15.83 3.66 9.31
CA SER A 197 16.54 4.87 8.88
C SER A 197 17.55 4.59 7.78
N ALA A 198 18.29 3.50 7.94
CA ALA A 198 19.33 3.11 6.99
C ALA A 198 18.78 2.81 5.60
N ILE A 199 17.62 2.14 5.55
CA ILE A 199 17.06 1.70 4.27
C ILE A 199 16.02 2.67 3.69
N HIS A 200 15.67 3.73 4.43
CA HIS A 200 14.42 4.45 4.17
C HIS A 200 14.34 5.14 2.80
N ASP A 201 15.47 5.38 2.14
CA ASP A 201 15.49 6.01 0.82
C ASP A 201 16.30 5.19 -0.20
N VAL A 202 16.56 3.92 0.09
CA VAL A 202 17.44 3.13 -0.79
C VAL A 202 16.91 3.02 -2.23
N ASP A 203 17.82 3.12 -3.20
CA ASP A 203 17.48 3.08 -4.63
C ASP A 203 16.55 4.23 -5.04
N HIS A 204 16.66 5.36 -4.35
CA HIS A 204 15.89 6.56 -4.73
C HIS A 204 16.43 7.10 -6.06
N PRO A 205 15.55 7.32 -7.06
CA PRO A 205 15.98 7.75 -8.40
C PRO A 205 16.24 9.26 -8.54
N GLY A 206 15.89 10.05 -7.53
CA GLY A 206 16.11 11.49 -7.52
C GLY A 206 14.94 12.29 -8.04
N VAL A 207 13.77 11.66 -8.13
CA VAL A 207 12.53 12.32 -8.53
C VAL A 207 11.42 11.92 -7.57
N SER A 208 10.36 12.74 -7.51
CA SER A 208 9.30 12.60 -6.51
C SER A 208 8.30 11.50 -6.88
N ASN A 209 7.48 11.11 -5.89
CA ASN A 209 6.35 10.21 -6.16
C ASN A 209 5.44 10.77 -7.25
N GLN A 210 5.14 12.06 -7.17
CA GLN A 210 4.23 12.67 -8.15
C GLN A 210 4.81 12.60 -9.57
N PHE A 211 6.11 12.82 -9.70
CA PHE A 211 6.78 12.71 -11.00
C PHE A 211 6.63 11.30 -11.56
N LEU A 212 6.90 10.31 -10.70
CA LEU A 212 6.77 8.91 -11.09
C LEU A 212 5.34 8.55 -11.49
N ILE A 213 4.36 9.13 -10.80
CA ILE A 213 2.95 8.92 -11.14
C ILE A 213 2.60 9.60 -12.47
N ASN A 214 3.00 10.86 -12.61
CA ASN A 214 2.68 11.65 -13.80
C ASN A 214 3.31 11.11 -15.08
N THR A 215 4.48 10.48 -14.98
CA THR A 215 5.20 9.94 -16.12
C THR A 215 4.88 8.46 -16.39
N ASN A 216 3.90 7.90 -15.68
CA ASN A 216 3.50 6.50 -15.88
C ASN A 216 4.66 5.51 -15.75
N SER A 217 5.49 5.73 -14.73
CA SER A 217 6.68 4.92 -14.49
C SER A 217 6.33 3.49 -14.08
N GLU A 218 7.28 2.58 -14.26
CA GLU A 218 7.10 1.19 -13.82
C GLU A 218 6.88 1.11 -12.31
N LEU A 219 7.59 1.92 -11.55
CA LEU A 219 7.41 1.97 -10.09
C LEU A 219 5.97 2.32 -9.71
N ALA A 220 5.42 3.36 -10.34
CA ALA A 220 4.06 3.80 -10.03
C ALA A 220 3.03 2.73 -10.45
N LEU A 221 3.31 2.05 -11.55
CA LEU A 221 2.47 0.96 -12.02
C LEU A 221 2.51 -0.21 -11.05
N MET A 222 3.71 -0.53 -10.57
CA MET A 222 3.88 -1.62 -9.61
C MET A 222 3.10 -1.36 -8.33
N TYR A 223 3.17 -0.12 -7.84
CA TYR A 223 2.64 0.24 -6.52
C TYR A 223 1.33 1.03 -6.53
N ASN A 224 0.66 1.08 -7.67
CA ASN A 224 -0.67 1.67 -7.76
C ASN A 224 -0.75 3.09 -7.18
N ASP A 225 0.28 3.88 -7.51
CA ASP A 225 0.36 5.31 -7.15
C ASP A 225 0.40 5.61 -5.65
N SER A 226 0.56 4.58 -4.81
CA SER A 226 0.42 4.73 -3.36
C SER A 226 1.77 4.53 -2.68
N SER A 227 2.29 5.59 -2.07
CA SER A 227 3.61 5.55 -1.42
C SER A 227 4.62 4.82 -2.29
N VAL A 228 4.72 5.25 -3.54
CA VAL A 228 5.45 4.51 -4.56
C VAL A 228 6.90 4.26 -4.15
N LEU A 229 7.63 5.34 -3.91
CA LEU A 229 9.03 5.22 -3.50
C LEU A 229 9.21 4.49 -2.17
N GLU A 230 8.38 4.82 -1.19
CA GLU A 230 8.56 4.28 0.14
C GLU A 230 8.34 2.77 0.17
N ASN A 231 7.36 2.30 -0.59
CA ASN A 231 7.18 0.85 -0.77
C ASN A 231 8.42 0.21 -1.40
N HIS A 232 8.98 0.88 -2.39
CA HIS A 232 10.17 0.40 -3.09
C HIS A 232 11.41 0.35 -2.19
N HIS A 233 11.61 1.40 -1.39
CA HIS A 233 12.74 1.43 -0.45
C HIS A 233 12.68 0.21 0.47
N LEU A 234 11.50 -0.07 1.03
CA LEU A 234 11.30 -1.24 1.88
C LEU A 234 11.60 -2.55 1.15
N ALA A 235 11.03 -2.71 -0.04
CA ALA A 235 11.22 -3.95 -0.80
C ALA A 235 12.71 -4.19 -1.07
N VAL A 236 13.43 -3.15 -1.49
CA VAL A 236 14.87 -3.26 -1.74
C VAL A 236 15.65 -3.57 -0.45
N GLY A 237 15.37 -2.80 0.61
CA GLY A 237 16.07 -2.99 1.88
C GLY A 237 15.93 -4.40 2.45
N PHE A 238 14.72 -4.96 2.38
CA PHE A 238 14.49 -6.33 2.84
C PHE A 238 15.09 -7.36 1.88
N LYS A 239 14.93 -7.13 0.58
CA LYS A 239 15.45 -8.05 -0.44
C LYS A 239 16.96 -8.26 -0.33
N LEU A 240 17.69 -7.21 0.00
CA LEU A 240 19.14 -7.29 0.10
C LEU A 240 19.63 -8.18 1.25
N LEU A 241 18.79 -8.40 2.26
CA LEU A 241 19.11 -9.32 3.36
C LEU A 241 19.30 -10.76 2.88
N GLN A 242 18.73 -11.09 1.73
CA GLN A 242 18.77 -12.43 1.17
C GLN A 242 19.97 -12.67 0.26
N GLU A 243 20.77 -11.64 0.04
CA GLU A 243 22.02 -11.79 -0.72
C GLU A 243 23.06 -12.54 0.10
N GLU A 244 24.11 -12.99 -0.57
CA GLU A 244 25.14 -13.80 0.07
C GLU A 244 25.75 -13.13 1.30
N ASN A 245 25.64 -13.80 2.44
CA ASN A 245 26.17 -13.34 3.72
C ASN A 245 25.67 -11.94 4.12
N CYS A 246 24.40 -11.69 3.88
CA CYS A 246 23.79 -10.38 4.17
C CYS A 246 22.67 -10.41 5.21
N ASP A 247 22.29 -11.59 5.71
CA ASP A 247 21.17 -11.64 6.66
C ASP A 247 21.63 -11.32 8.07
N ILE A 248 21.63 -10.03 8.38
CA ILE A 248 22.03 -9.56 9.70
C ILE A 248 21.05 -9.95 10.80
N PHE A 249 19.86 -10.40 10.41
CA PHE A 249 18.85 -10.83 11.39
C PHE A 249 18.77 -12.35 11.53
N GLN A 250 19.78 -13.05 11.00
CA GLN A 250 19.79 -14.52 10.98
C GLN A 250 19.65 -15.20 12.35
N ASN A 251 20.03 -14.53 13.42
CA ASN A 251 19.95 -15.11 14.77
C ASN A 251 18.80 -14.57 15.63
N LEU A 252 17.92 -13.76 15.04
CA LEU A 252 16.69 -13.36 15.71
C LEU A 252 15.71 -14.52 15.70
N THR A 253 14.86 -14.58 16.71
CA THR A 253 13.77 -15.55 16.73
C THR A 253 12.76 -15.23 15.64
N LYS A 254 11.91 -16.19 15.32
CA LYS A 254 10.86 -15.98 14.31
C LYS A 254 9.96 -14.82 14.72
N LYS A 255 9.59 -14.78 16.00
CA LYS A 255 8.72 -13.72 16.51
C LYS A 255 9.42 -12.37 16.45
N GLN A 256 10.71 -12.34 16.77
CA GLN A 256 11.51 -11.11 16.68
C GLN A 256 11.58 -10.60 15.24
N ARG A 257 11.83 -11.50 14.29
CA ARG A 257 11.90 -11.13 12.88
C ARG A 257 10.54 -10.60 12.39
N GLN A 258 9.47 -11.27 12.80
CA GLN A 258 8.13 -10.83 12.43
C GLN A 258 7.83 -9.42 12.96
N SER A 259 8.14 -9.19 14.23
CA SER A 259 7.89 -7.90 14.87
C SER A 259 8.74 -6.80 14.24
N LEU A 260 10.01 -7.10 14.01
CA LEU A 260 10.94 -6.14 13.40
C LEU A 260 10.47 -5.73 12.00
N ARG A 261 10.10 -6.72 11.18
CA ARG A 261 9.63 -6.46 9.83
C ARG A 261 8.42 -5.52 9.83
N LYS A 262 7.44 -5.80 10.69
CA LYS A 262 6.24 -4.95 10.79
C LYS A 262 6.59 -3.52 11.19
N MET A 263 7.45 -3.39 12.20
CA MET A 263 7.83 -2.07 12.71
C MET A 263 8.56 -1.26 11.65
N VAL A 264 9.48 -1.92 10.94
CA VAL A 264 10.25 -1.25 9.89
C VAL A 264 9.34 -0.76 8.75
N ILE A 265 8.40 -1.60 8.34
CA ILE A 265 7.42 -1.21 7.31
C ILE A 265 6.62 0.01 7.79
N ASP A 266 6.10 -0.03 9.01
CA ASP A 266 5.32 1.07 9.56
C ASP A 266 6.12 2.38 9.58
N ILE A 267 7.40 2.28 9.93
CA ILE A 267 8.26 3.46 10.04
C ILE A 267 8.60 4.04 8.67
N VAL A 268 9.02 3.20 7.72
CA VAL A 268 9.43 3.73 6.42
C VAL A 268 8.22 4.29 5.68
N LEU A 269 7.06 3.63 5.76
CA LEU A 269 5.88 4.18 5.08
C LEU A 269 5.48 5.55 5.64
N ALA A 270 5.79 5.79 6.91
CA ALA A 270 5.54 7.10 7.54
C ALA A 270 6.46 8.23 7.06
N THR A 271 7.49 7.90 6.24
CA THR A 271 8.36 8.94 5.67
C THR A 271 7.80 9.55 4.38
N ASP A 272 6.70 8.99 3.87
CA ASP A 272 5.96 9.56 2.75
C ASP A 272 5.35 10.90 3.17
N MET A 273 5.75 11.99 2.51
CA MET A 273 5.27 13.32 2.88
C MET A 273 3.75 13.50 2.77
N SER A 274 3.08 12.64 2.00
CA SER A 274 1.61 12.69 1.94
C SER A 274 0.97 12.30 3.29
N LYS A 275 1.73 11.64 4.16
CA LYS A 275 1.27 11.25 5.51
C LYS A 275 1.63 12.26 6.59
N HIS A 276 2.38 13.32 6.24
CA HIS A 276 2.92 14.24 7.23
C HIS A 276 1.85 14.89 8.10
N MET A 277 0.81 15.43 7.48
CA MET A 277 -0.19 16.19 8.21
C MET A 277 -0.92 15.32 9.23
N ASN A 278 -1.34 14.13 8.82
CA ASN A 278 -1.99 13.19 9.74
C ASN A 278 -1.05 12.71 10.84
N LEU A 279 0.21 12.48 10.47
CA LEU A 279 1.21 12.06 11.43
C LEU A 279 1.44 13.15 12.49
N LEU A 280 1.52 14.40 12.04
CA LEU A 280 1.72 15.52 12.95
C LEU A 280 0.48 15.72 13.83
N ALA A 281 -0.70 15.64 13.23
CA ALA A 281 -1.96 15.77 13.98
C ALA A 281 -2.01 14.79 15.15
N ASP A 282 -1.63 13.54 14.87
CA ASP A 282 -1.59 12.51 15.92
C ASP A 282 -0.52 12.79 16.97
N LEU A 283 0.64 13.27 16.55
CA LEU A 283 1.69 13.61 17.49
C LEU A 283 1.25 14.73 18.45
N LYS A 284 0.53 15.71 17.92
CA LYS A 284 -0.02 16.79 18.74
C LYS A 284 -0.98 16.24 19.79
N THR A 285 -1.84 15.33 19.37
CA THR A 285 -2.80 14.71 20.28
C THR A 285 -2.07 13.99 21.42
N MET A 286 -1.02 13.25 21.09
CA MET A 286 -0.21 12.58 22.09
C MET A 286 0.42 13.56 23.08
N VAL A 287 0.97 14.65 22.56
CA VAL A 287 1.56 15.68 23.41
C VAL A 287 0.52 16.25 24.38
N GLU A 288 -0.67 16.56 23.86
CA GLU A 288 -1.77 17.09 24.68
C GLU A 288 -2.23 16.12 25.77
N THR A 289 -2.09 14.82 25.53
CA THR A 289 -2.53 13.78 26.46
C THR A 289 -1.35 13.02 27.07
N LYS A 290 -0.18 13.64 27.04
CA LYS A 290 1.08 13.00 27.42
C LYS A 290 1.03 12.49 28.86
N LYS A 291 1.57 11.29 29.07
CA LYS A 291 1.74 10.73 30.41
C LYS A 291 3.19 10.30 30.64
N VAL A 292 3.66 10.50 31.87
CA VAL A 292 5.05 10.21 32.22
C VAL A 292 5.11 9.27 33.41
N THR A 293 6.23 8.55 33.53
CA THR A 293 6.44 7.60 34.62
C THR A 293 6.95 8.31 35.86
N SER A 294 7.24 7.54 36.92
CA SER A 294 7.88 8.05 38.13
C SER A 294 9.20 8.77 37.82
N SER A 295 9.95 8.22 36.86
CA SER A 295 11.26 8.76 36.49
C SER A 295 11.21 9.98 35.56
N GLY A 296 10.01 10.42 35.19
CA GLY A 296 9.84 11.58 34.30
C GLY A 296 10.03 11.21 32.84
N VAL A 297 9.92 9.92 32.55
CA VAL A 297 10.12 9.39 31.21
C VAL A 297 8.75 9.10 30.60
N LEU A 298 8.66 9.20 29.27
CA LEU A 298 7.41 9.04 28.54
C LEU A 298 6.81 7.66 28.73
N LEU A 299 5.51 7.61 28.99
CA LEU A 299 4.78 6.36 29.20
C LEU A 299 4.08 5.93 27.91
N LEU A 300 4.55 4.83 27.32
CA LEU A 300 3.97 4.25 26.10
C LEU A 300 3.66 2.77 26.33
N ASP A 301 2.38 2.44 26.50
CA ASP A 301 1.99 1.09 26.95
C ASP A 301 1.17 0.30 25.93
N ASN A 302 1.32 0.65 24.65
CA ASN A 302 0.65 -0.08 23.58
C ASN A 302 1.35 0.17 22.25
N TYR A 303 1.15 -0.73 21.31
CA TYR A 303 1.88 -0.66 20.03
C TYR A 303 1.61 0.63 19.26
N SER A 304 0.34 1.01 19.17
CA SER A 304 -0.09 2.22 18.47
C SER A 304 0.71 3.45 18.89
N ASP A 305 0.83 3.67 20.20
CA ASP A 305 1.58 4.80 20.72
C ASP A 305 3.08 4.65 20.52
N ARG A 306 3.59 3.44 20.75
CA ARG A 306 5.02 3.17 20.60
C ARG A 306 5.47 3.37 19.15
N ILE A 307 4.74 2.79 18.20
CA ILE A 307 5.12 2.90 16.79
C ILE A 307 4.93 4.33 16.29
N GLN A 308 3.92 5.02 16.81
CA GLN A 308 3.70 6.42 16.44
C GLN A 308 4.90 7.30 16.80
N VAL A 309 5.48 7.09 17.98
CA VAL A 309 6.63 7.86 18.41
C VAL A 309 7.84 7.55 17.51
N LEU A 310 8.07 6.27 17.22
CA LEU A 310 9.17 5.88 16.34
C LEU A 310 8.98 6.41 14.91
N GLN A 311 7.74 6.38 14.41
CA GLN A 311 7.44 6.98 13.10
C GLN A 311 7.79 8.46 13.06
N ASN A 312 7.34 9.21 14.06
CA ASN A 312 7.62 10.64 14.11
C ASN A 312 9.09 10.93 14.36
N MET A 313 9.77 10.05 15.09
CA MET A 313 11.19 10.20 15.35
C MET A 313 12.00 10.14 14.06
N VAL A 314 11.77 9.10 13.28
CA VAL A 314 12.48 8.92 12.00
C VAL A 314 12.08 10.01 11.00
N HIS A 315 10.81 10.41 11.03
CA HIS A 315 10.33 11.51 10.20
C HIS A 315 11.02 12.83 10.57
N CYS A 316 11.15 13.09 11.88
CA CYS A 316 11.94 14.25 12.35
C CYS A 316 13.37 14.18 11.85
N ALA A 317 13.99 13.00 11.96
CA ALA A 317 15.36 12.81 11.46
C ALA A 317 15.45 13.08 9.96
N ASP A 318 14.45 12.62 9.22
CA ASP A 318 14.40 12.82 7.77
C ASP A 318 14.27 14.32 7.46
N LEU A 319 13.56 15.04 8.32
CA LEU A 319 13.34 16.49 8.17
C LEU A 319 14.24 17.32 9.10
N SER A 320 15.44 16.82 9.38
CA SER A 320 16.29 17.48 10.38
C SER A 320 17.29 18.47 9.78
N ASN A 321 17.44 18.53 8.46
CA ASN A 321 18.49 19.38 7.87
C ASN A 321 18.45 20.84 8.40
N PRO A 322 17.26 21.48 8.40
CA PRO A 322 17.23 22.88 8.85
C PRO A 322 17.49 23.07 10.35
N THR A 323 17.58 21.98 11.11
CA THR A 323 17.89 22.05 12.55
C THR A 323 19.38 21.87 12.82
N LYS A 324 20.16 21.66 11.77
CA LYS A 324 21.60 21.41 11.92
C LYS A 324 22.36 22.71 11.84
N PRO A 325 23.61 22.71 12.35
CA PRO A 325 24.47 23.87 12.15
C PRO A 325 24.47 24.36 10.70
N LEU A 326 24.49 25.68 10.52
CA LEU A 326 24.22 26.30 9.24
C LEU A 326 25.10 25.77 8.10
N GLN A 327 26.38 25.50 8.37
CA GLN A 327 27.25 25.02 7.30
C GLN A 327 26.80 23.65 6.76
N LEU A 328 26.16 22.85 7.61
CA LEU A 328 25.59 21.57 7.17
C LEU A 328 24.28 21.80 6.43
N TYR A 329 23.39 22.58 7.05
CA TYR A 329 22.10 22.90 6.45
C TYR A 329 22.24 23.48 5.03
N ARG A 330 23.15 24.42 4.82
CA ARG A 330 23.33 25.01 3.50
C ARG A 330 23.77 24.00 2.44
N GLN A 331 24.60 23.03 2.84
CA GLN A 331 25.02 21.96 1.93
C GLN A 331 23.84 21.08 1.54
N TRP A 332 22.98 20.76 2.51
CA TRP A 332 21.78 19.99 2.21
C TRP A 332 20.84 20.74 1.26
N THR A 333 20.72 22.05 1.47
CA THR A 333 19.87 22.88 0.60
C THR A 333 20.45 22.93 -0.82
N ASP A 334 21.76 23.10 -0.93
CA ASP A 334 22.44 23.05 -2.23
C ASP A 334 22.10 21.73 -2.95
N ARG A 335 22.15 20.62 -2.22
CA ARG A 335 21.92 19.31 -2.82
C ARG A 335 20.47 19.08 -3.21
N ILE A 336 19.51 19.41 -2.35
CA ILE A 336 18.10 19.22 -2.70
C ILE A 336 17.73 20.10 -3.90
N MET A 337 18.29 21.30 -3.99
CA MET A 337 17.96 22.19 -5.10
C MET A 337 18.50 21.66 -6.42
N GLU A 338 19.71 21.08 -6.40
CA GLU A 338 20.26 20.42 -7.57
C GLU A 338 19.35 19.29 -8.03
N GLU A 339 18.87 18.50 -7.07
CA GLU A 339 18.01 17.36 -7.37
C GLU A 339 16.67 17.83 -7.93
N PHE A 340 16.07 18.83 -7.28
CA PHE A 340 14.83 19.46 -7.76
C PHE A 340 14.98 20.04 -9.18
N PHE A 341 16.06 20.77 -9.41
CA PHE A 341 16.28 21.36 -10.74
C PHE A 341 16.43 20.31 -11.84
N ARG A 342 17.13 19.21 -11.54
CA ARG A 342 17.27 18.10 -12.49
C ARG A 342 15.92 17.46 -12.81
N GLN A 343 15.04 17.34 -11.82
CA GLN A 343 13.67 16.86 -12.07
C GLN A 343 12.92 17.85 -12.96
N GLY A 344 13.04 19.14 -12.65
CA GLY A 344 12.38 20.18 -13.43
C GLY A 344 12.83 20.22 -14.88
N ASP A 345 14.11 19.90 -15.12
CA ASP A 345 14.66 19.80 -16.47
C ASP A 345 14.01 18.65 -17.26
N ARG A 346 13.78 17.54 -16.58
CA ARG A 346 13.09 16.39 -17.20
C ARG A 346 11.62 16.70 -17.49
N GLU A 347 10.99 17.46 -16.60
CA GLU A 347 9.60 17.90 -16.80
C GLU A 347 9.49 18.91 -17.94
N ARG A 348 10.45 19.84 -18.01
CA ARG A 348 10.49 20.84 -19.08
C ARG A 348 10.64 20.16 -20.45
N GLU A 349 11.51 19.17 -20.52
CA GLU A 349 11.76 18.45 -21.77
C GLU A 349 10.58 17.59 -22.24
N ARG A 350 9.73 17.18 -21.30
CA ARG A 350 8.53 16.38 -21.63
C ARG A 350 7.31 17.24 -21.96
N GLY A 351 7.42 18.56 -21.80
CA GLY A 351 6.28 19.45 -22.01
C GLY A 351 5.34 19.49 -20.83
N MET A 352 5.79 18.96 -19.68
CA MET A 352 4.98 18.95 -18.48
C MET A 352 5.10 20.28 -17.76
N GLU A 353 4.12 20.61 -16.94
CA GLU A 353 4.24 21.75 -16.03
C GLU A 353 5.36 21.41 -15.04
N ILE A 354 6.27 22.36 -14.83
CA ILE A 354 7.38 22.15 -13.91
C ILE A 354 6.87 22.22 -12.47
N SER A 355 7.30 21.27 -11.64
CA SER A 355 6.81 21.17 -10.27
C SER A 355 7.26 22.38 -9.46
N PRO A 356 6.55 22.68 -8.35
CA PRO A 356 6.99 23.78 -7.48
C PRO A 356 8.45 23.61 -7.07
N MET A 357 9.20 24.71 -7.14
CA MET A 357 10.61 24.76 -6.70
C MET A 357 11.60 24.01 -7.60
N CYS A 358 11.13 23.51 -8.75
CA CYS A 358 11.98 22.71 -9.64
C CYS A 358 12.45 23.47 -10.88
N ASP A 359 12.01 24.72 -11.05
CA ASP A 359 12.40 25.52 -12.21
C ASP A 359 13.62 26.37 -11.89
N LYS A 360 14.78 25.98 -12.42
CA LYS A 360 16.02 26.74 -12.19
C LYS A 360 15.97 28.17 -12.75
N HIS A 361 15.05 28.46 -13.66
CA HIS A 361 14.88 29.79 -14.22
C HIS A 361 13.95 30.68 -13.37
N ASN A 362 13.15 30.06 -12.51
CA ASN A 362 12.23 30.78 -11.64
C ASN A 362 12.06 30.05 -10.31
N ALA A 363 13.06 30.17 -9.45
CA ALA A 363 13.02 29.53 -8.14
C ALA A 363 13.68 30.40 -7.07
N SER A 364 12.92 30.73 -6.03
CA SER A 364 13.47 31.47 -4.90
C SER A 364 13.89 30.47 -3.81
N VAL A 365 15.17 30.12 -3.80
CA VAL A 365 15.70 29.12 -2.87
C VAL A 365 15.48 29.55 -1.41
N GLU A 366 15.76 30.82 -1.13
CA GLU A 366 15.70 31.32 0.24
C GLU A 366 14.26 31.39 0.74
N LYS A 367 13.36 31.94 -0.08
CA LYS A 367 11.94 32.00 0.30
C LYS A 367 11.36 30.60 0.49
N SER A 368 11.80 29.68 -0.36
CA SER A 368 11.34 28.30 -0.29
C SER A 368 11.76 27.63 1.02
N GLN A 369 12.99 27.87 1.48
CA GLN A 369 13.43 27.32 2.76
C GLN A 369 12.66 27.93 3.93
N VAL A 370 12.41 29.23 3.88
CA VAL A 370 11.63 29.86 4.95
C VAL A 370 10.23 29.26 5.00
N GLY A 371 9.61 29.06 3.84
CA GLY A 371 8.29 28.42 3.77
C GLY A 371 8.30 26.98 4.27
N PHE A 372 9.31 26.23 3.83
CA PHE A 372 9.54 24.84 4.27
C PHE A 372 9.61 24.76 5.81
N ILE A 373 10.39 25.64 6.43
CA ILE A 373 10.50 25.68 7.88
C ILE A 373 9.16 26.07 8.52
N ASP A 374 8.57 27.16 8.02
CA ASP A 374 7.35 27.71 8.64
C ASP A 374 6.16 26.77 8.58
N TYR A 375 5.98 26.09 7.45
CA TYR A 375 4.78 25.27 7.24
C TYR A 375 4.96 23.78 7.54
N ILE A 376 6.19 23.29 7.54
CA ILE A 376 6.44 21.85 7.70
C ILE A 376 7.40 21.54 8.85
N VAL A 377 8.63 22.05 8.76
CA VAL A 377 9.70 21.59 9.65
C VAL A 377 9.54 22.10 11.08
N HIS A 378 9.22 23.38 11.24
CA HIS A 378 9.06 23.94 12.58
C HIS A 378 7.79 23.42 13.28
N PRO A 379 6.64 23.35 12.58
CA PRO A 379 5.48 22.74 13.24
C PRO A 379 5.76 21.33 13.76
N LEU A 380 6.50 20.53 12.98
CA LEU A 380 6.87 19.19 13.39
C LEU A 380 7.83 19.22 14.58
N TRP A 381 8.91 19.98 14.47
CA TRP A 381 9.95 19.98 15.49
C TRP A 381 9.53 20.65 16.80
N GLU A 382 8.67 21.66 16.71
CA GLU A 382 8.11 22.31 17.89
C GLU A 382 7.27 21.29 18.68
N THR A 383 6.55 20.43 17.95
CA THR A 383 5.72 19.40 18.57
C THR A 383 6.58 18.28 19.18
N TRP A 384 7.61 17.84 18.45
CA TRP A 384 8.56 16.87 19.01
C TRP A 384 9.20 17.43 20.27
N ALA A 385 9.64 18.69 20.22
CA ALA A 385 10.25 19.35 21.36
C ALA A 385 9.31 19.38 22.57
N ASP A 386 8.02 19.60 22.32
CA ASP A 386 7.01 19.54 23.38
C ASP A 386 6.89 18.13 23.98
N LEU A 387 6.93 17.11 23.13
CA LEU A 387 6.87 15.72 23.59
C LEU A 387 8.01 15.36 24.55
N VAL A 388 9.21 15.84 24.26
CA VAL A 388 10.41 15.50 25.05
C VAL A 388 10.96 16.66 25.87
N HIS A 389 10.13 17.69 26.08
CA HIS A 389 10.55 18.95 26.68
C HIS A 389 11.26 18.72 28.03
N PRO A 390 12.43 19.34 28.28
CA PRO A 390 13.07 20.31 27.38
C PRO A 390 14.27 19.75 26.59
N ASP A 391 14.29 18.42 26.36
CA ASP A 391 15.46 17.76 25.79
C ASP A 391 15.92 18.34 24.45
N ALA A 392 14.99 18.80 23.62
CA ALA A 392 15.30 19.23 22.26
C ALA A 392 15.33 20.75 22.09
N GLN A 393 15.46 21.49 23.19
CA GLN A 393 15.41 22.96 23.11
C GLN A 393 16.52 23.54 22.22
N ASP A 394 17.73 22.99 22.31
CA ASP A 394 18.86 23.49 21.53
C ASP A 394 18.69 23.22 20.02
N ILE A 395 18.10 22.08 19.68
CA ILE A 395 17.79 21.75 18.29
C ILE A 395 16.76 22.75 17.77
N LEU A 396 15.70 23.00 18.55
CA LEU A 396 14.66 23.95 18.16
C LEU A 396 15.23 25.38 18.04
N ASP A 397 16.14 25.75 18.95
CA ASP A 397 16.79 27.06 18.90
C ASP A 397 17.60 27.23 17.60
N THR A 398 18.30 26.17 17.20
CA THR A 398 19.10 26.21 15.96
C THR A 398 18.19 26.35 14.74
N LEU A 399 17.11 25.58 14.71
CA LEU A 399 16.12 25.70 13.64
C LEU A 399 15.61 27.14 13.52
N GLU A 400 15.28 27.76 14.65
CA GLU A 400 14.75 29.12 14.63
C GLU A 400 15.81 30.14 14.17
N ASP A 401 17.05 29.93 14.60
CA ASP A 401 18.16 30.76 14.14
C ASP A 401 18.38 30.64 12.63
N ASN A 402 18.31 29.41 12.11
CA ASN A 402 18.51 29.16 10.69
C ASN A 402 17.37 29.75 9.85
N ARG A 403 16.15 29.69 10.37
CA ARG A 403 15.01 30.34 9.74
C ARG A 403 15.26 31.85 9.65
N GLU A 404 15.71 32.44 10.75
CA GLU A 404 16.06 33.87 10.79
C GLU A 404 17.14 34.20 9.76
N TRP A 405 18.16 33.36 9.68
CA TRP A 405 19.25 33.59 8.73
C TRP A 405 18.75 33.57 7.29
N TYR A 406 18.05 32.52 6.89
CA TYR A 406 17.51 32.44 5.53
C TYR A 406 16.58 33.62 5.23
N GLN A 407 15.71 33.96 6.18
CA GLN A 407 14.82 35.12 6.04
C GLN A 407 15.61 36.39 5.78
N SER A 408 16.73 36.56 6.48
CA SER A 408 17.54 37.79 6.40
C SER A 408 18.17 38.01 5.03
N THR A 409 18.32 36.94 4.26
CA THR A 409 18.89 37.03 2.91
C THR A 409 17.87 37.51 1.87
N ILE A 410 16.58 37.52 2.23
CA ILE A 410 15.52 37.89 1.27
C ILE A 410 15.42 39.42 1.05
N PRO A 411 15.31 40.24 2.12
CA PRO A 411 15.13 41.70 1.93
C PRO A 411 16.21 42.36 1.08
N GLN B 88 -24.35 -24.12 -31.05
CA GLN B 88 -23.49 -23.71 -29.90
C GLN B 88 -23.46 -22.18 -29.73
N GLU B 89 -23.22 -21.47 -30.83
CA GLU B 89 -23.22 -20.01 -30.83
C GLU B 89 -24.63 -19.47 -30.61
N ASP B 90 -25.63 -20.15 -31.18
CA ASP B 90 -27.03 -19.81 -30.94
C ASP B 90 -27.39 -20.02 -29.46
N VAL B 91 -26.89 -21.13 -28.90
CA VAL B 91 -27.13 -21.43 -27.49
C VAL B 91 -26.39 -20.44 -26.59
N LEU B 92 -25.15 -20.12 -26.96
CA LEU B 92 -24.35 -19.12 -26.24
C LEU B 92 -25.07 -17.77 -26.22
N ALA B 93 -25.47 -17.29 -27.40
CA ALA B 93 -26.22 -16.04 -27.53
C ALA B 93 -27.50 -16.06 -26.71
N LYS B 94 -28.14 -17.23 -26.63
CA LYS B 94 -29.36 -17.40 -25.84
C LYS B 94 -29.10 -17.27 -24.33
N GLU B 95 -28.03 -17.89 -23.85
CA GLU B 95 -27.65 -17.79 -22.44
C GLU B 95 -27.28 -16.34 -22.07
N LEU B 96 -26.63 -15.65 -22.99
CA LEU B 96 -26.23 -14.25 -22.79
C LEU B 96 -27.38 -13.26 -22.74
N GLU B 97 -28.58 -13.68 -23.16
CA GLU B 97 -29.78 -12.86 -23.03
C GLU B 97 -30.17 -12.64 -21.56
N ASP B 98 -29.67 -13.50 -20.67
CA ASP B 98 -29.89 -13.36 -19.24
C ASP B 98 -28.78 -12.55 -18.54
N VAL B 99 -28.00 -11.78 -19.30
CA VAL B 99 -26.89 -10.99 -18.74
C VAL B 99 -27.34 -9.98 -17.67
N ASN B 100 -28.58 -9.49 -17.77
CA ASN B 100 -29.11 -8.56 -16.77
C ASN B 100 -29.79 -9.25 -15.59
N LYS B 101 -29.69 -10.58 -15.50
CA LYS B 101 -30.38 -11.35 -14.48
C LYS B 101 -29.42 -11.99 -13.48
N TRP B 102 -29.79 -11.91 -12.20
CA TRP B 102 -29.10 -12.59 -11.12
C TRP B 102 -29.28 -14.10 -11.33
N GLY B 103 -28.18 -14.83 -11.40
CA GLY B 103 -28.24 -16.28 -11.61
C GLY B 103 -28.00 -16.71 -13.05
N LEU B 104 -27.31 -15.88 -13.81
CA LEU B 104 -26.83 -16.25 -15.14
C LEU B 104 -26.10 -17.58 -15.08
N HIS B 105 -26.28 -18.42 -16.10
CA HIS B 105 -25.63 -19.73 -16.16
C HIS B 105 -24.17 -19.57 -16.61
N VAL B 106 -23.34 -19.05 -15.70
CA VAL B 106 -21.97 -18.66 -16.04
C VAL B 106 -21.07 -19.84 -16.39
N PHE B 107 -21.29 -20.99 -15.76
CA PHE B 107 -20.51 -22.18 -16.06
C PHE B 107 -20.84 -22.69 -17.45
N ARG B 108 -22.12 -22.66 -17.81
CA ARG B 108 -22.56 -23.02 -19.15
C ARG B 108 -21.93 -22.10 -20.20
N ILE B 109 -21.95 -20.80 -19.94
CA ILE B 109 -21.33 -19.83 -20.83
C ILE B 109 -19.83 -20.08 -20.98
N ALA B 110 -19.17 -20.44 -19.89
CA ALA B 110 -17.76 -20.80 -19.93
C ALA B 110 -17.50 -21.97 -20.88
N GLU B 111 -18.35 -23.00 -20.81
CA GLU B 111 -18.23 -24.16 -21.68
C GLU B 111 -18.50 -23.82 -23.15
N LEU B 112 -19.60 -23.11 -23.39
CA LEU B 112 -20.02 -22.78 -24.76
C LEU B 112 -19.08 -21.80 -25.47
N SER B 113 -18.40 -20.95 -24.70
CA SER B 113 -17.50 -19.94 -25.27
C SER B 113 -16.07 -20.45 -25.50
N GLY B 114 -15.82 -21.73 -25.23
CA GLY B 114 -14.49 -22.29 -25.32
C GLY B 114 -13.59 -21.76 -24.21
N ASN B 115 -14.16 -21.68 -23.01
CA ASN B 115 -13.50 -21.11 -21.83
C ASN B 115 -13.12 -19.64 -22.00
N ARG B 116 -14.05 -18.85 -22.53
CA ARG B 116 -13.90 -17.40 -22.64
C ARG B 116 -15.07 -16.65 -22.02
N PRO B 117 -15.52 -17.06 -20.82
CA PRO B 117 -16.64 -16.35 -20.22
C PRO B 117 -16.35 -14.88 -19.91
N LEU B 118 -15.14 -14.57 -19.48
CA LEU B 118 -14.79 -13.18 -19.17
C LEU B 118 -14.91 -12.33 -20.43
N THR B 119 -14.32 -12.79 -21.52
CA THR B 119 -14.31 -12.05 -22.78
C THR B 119 -15.72 -11.82 -23.32
N VAL B 120 -16.53 -12.88 -23.39
CA VAL B 120 -17.89 -12.76 -23.95
C VAL B 120 -18.85 -11.98 -23.05
N ILE B 121 -18.74 -12.16 -21.73
CA ILE B 121 -19.63 -11.46 -20.80
C ILE B 121 -19.29 -9.97 -20.74
N MET B 122 -17.99 -9.64 -20.68
CA MET B 122 -17.55 -8.25 -20.72
C MET B 122 -17.98 -7.55 -22.01
N HIS B 123 -17.73 -8.21 -23.14
CA HIS B 123 -18.13 -7.66 -24.44
C HIS B 123 -19.64 -7.41 -24.51
N THR B 124 -20.43 -8.36 -24.03
CA THR B 124 -21.88 -8.21 -23.98
C THR B 124 -22.31 -7.04 -23.10
N ILE B 125 -21.69 -6.93 -21.92
CA ILE B 125 -22.03 -5.86 -20.98
C ILE B 125 -21.65 -4.48 -21.55
N PHE B 126 -20.50 -4.40 -22.20
CA PHE B 126 -20.05 -3.14 -22.80
C PHE B 126 -21.02 -2.70 -23.92
N GLN B 127 -21.47 -3.65 -24.72
CA GLN B 127 -22.48 -3.38 -25.76
C GLN B 127 -23.81 -2.97 -25.13
N GLU B 128 -24.26 -3.75 -24.15
CA GLU B 128 -25.51 -3.48 -23.43
C GLU B 128 -25.55 -2.08 -22.80
N ARG B 129 -24.43 -1.63 -22.25
CA ARG B 129 -24.34 -0.32 -21.61
C ARG B 129 -23.86 0.78 -22.56
N ASP B 130 -23.62 0.42 -23.82
CA ASP B 130 -23.18 1.36 -24.85
C ASP B 130 -21.85 2.04 -24.49
N LEU B 131 -20.99 1.29 -23.82
CA LEU B 131 -19.71 1.82 -23.34
C LEU B 131 -18.67 2.00 -24.45
N LEU B 132 -18.77 1.22 -25.52
CA LEU B 132 -17.84 1.34 -26.64
C LEU B 132 -18.01 2.68 -27.36
N LYS B 133 -19.26 3.11 -27.53
CA LYS B 133 -19.57 4.39 -28.18
C LYS B 133 -19.29 5.56 -27.24
N THR B 134 -19.76 5.46 -26.01
CA THR B 134 -19.56 6.52 -25.02
C THR B 134 -18.07 6.87 -24.83
N PHE B 135 -17.21 5.86 -24.76
CA PHE B 135 -15.78 6.08 -24.55
C PHE B 135 -14.91 5.80 -25.78
N LYS B 136 -15.56 5.66 -26.94
CA LYS B 136 -14.86 5.48 -28.21
C LYS B 136 -13.81 4.36 -28.17
N ILE B 137 -14.21 3.22 -27.63
CA ILE B 137 -13.35 2.04 -27.53
C ILE B 137 -13.51 1.22 -28.80
N PRO B 138 -12.41 1.04 -29.58
CA PRO B 138 -12.53 0.19 -30.76
C PRO B 138 -12.79 -1.26 -30.36
N VAL B 139 -13.73 -1.91 -31.04
CA VAL B 139 -14.13 -3.29 -30.68
C VAL B 139 -12.95 -4.25 -30.68
N ASP B 140 -12.06 -4.15 -31.67
CA ASP B 140 -10.91 -5.05 -31.77
C ASP B 140 -9.94 -4.87 -30.60
N THR B 141 -9.78 -3.62 -30.14
CA THR B 141 -8.93 -3.33 -28.99
C THR B 141 -9.52 -3.94 -27.73
N LEU B 142 -10.84 -3.79 -27.56
CA LEU B 142 -11.54 -4.39 -26.43
C LEU B 142 -11.38 -5.90 -26.41
N ILE B 143 -11.58 -6.55 -27.55
CA ILE B 143 -11.47 -8.01 -27.61
C ILE B 143 -10.05 -8.46 -27.32
N THR B 144 -9.06 -7.77 -27.91
CA THR B 144 -7.66 -8.13 -27.70
C THR B 144 -7.27 -8.02 -26.22
N TYR B 145 -7.65 -6.93 -25.58
CA TYR B 145 -7.36 -6.75 -24.16
C TYR B 145 -8.03 -7.82 -23.32
N LEU B 146 -9.33 -8.05 -23.57
CA LEU B 146 -10.10 -9.01 -22.79
C LEU B 146 -9.52 -10.41 -22.89
N MET B 147 -9.12 -10.83 -24.10
CA MET B 147 -8.52 -12.14 -24.27
C MET B 147 -7.18 -12.24 -23.55
N THR B 148 -6.40 -11.16 -23.62
CA THR B 148 -5.12 -11.09 -22.93
C THR B 148 -5.32 -11.15 -21.41
N LEU B 149 -6.25 -10.35 -20.90
CA LEU B 149 -6.60 -10.35 -19.48
C LEU B 149 -7.03 -11.75 -19.04
N GLU B 150 -7.95 -12.35 -19.79
CA GLU B 150 -8.46 -13.68 -19.47
C GLU B 150 -7.35 -14.74 -19.47
N ASP B 151 -6.39 -14.62 -20.39
CA ASP B 151 -5.22 -15.51 -20.42
C ASP B 151 -4.37 -15.42 -19.15
N HIS B 152 -4.42 -14.30 -18.44
CA HIS B 152 -3.64 -14.13 -17.21
C HIS B 152 -4.36 -14.57 -15.93
N TYR B 153 -5.58 -15.08 -16.09
CA TYR B 153 -6.21 -15.89 -15.04
C TYR B 153 -5.75 -17.33 -15.23
N HIS B 154 -5.44 -18.00 -14.13
CA HIS B 154 -4.84 -19.34 -14.16
C HIS B 154 -5.92 -20.40 -14.38
N ALA B 155 -5.76 -21.21 -15.44
CA ALA B 155 -6.69 -22.28 -15.73
C ALA B 155 -6.66 -23.44 -14.72
N ASP B 156 -5.53 -23.61 -14.03
CA ASP B 156 -5.38 -24.70 -13.05
C ASP B 156 -5.69 -24.28 -11.60
N VAL B 157 -6.29 -23.11 -11.43
CA VAL B 157 -6.75 -22.66 -10.12
C VAL B 157 -8.27 -22.87 -10.08
N ALA B 158 -8.74 -23.61 -9.08
CA ALA B 158 -10.13 -24.10 -9.04
C ALA B 158 -11.18 -22.99 -8.92
N TYR B 159 -10.91 -21.99 -8.08
CA TYR B 159 -11.90 -20.94 -7.83
C TYR B 159 -11.51 -19.61 -8.45
N HIS B 160 -10.33 -19.11 -8.11
CA HIS B 160 -9.90 -17.79 -8.60
C HIS B 160 -9.36 -17.81 -10.02
N ASN B 161 -10.28 -18.03 -10.95
CA ASN B 161 -9.96 -18.14 -12.35
C ASN B 161 -10.87 -17.20 -13.16
N ASN B 162 -10.83 -17.32 -14.48
CA ASN B 162 -11.61 -16.46 -15.37
C ASN B 162 -13.13 -16.57 -15.20
N ILE B 163 -13.62 -17.72 -14.74
CA ILE B 163 -15.06 -17.92 -14.55
C ILE B 163 -15.53 -17.06 -13.38
N HIS B 164 -14.74 -17.03 -12.31
CA HIS B 164 -15.02 -16.19 -11.16
C HIS B 164 -14.98 -14.71 -11.55
N ALA B 165 -13.98 -14.32 -12.33
CA ALA B 165 -13.89 -12.93 -12.80
C ALA B 165 -15.13 -12.55 -13.60
N ALA B 166 -15.56 -13.42 -14.51
CA ALA B 166 -16.75 -13.18 -15.32
C ALA B 166 -17.99 -13.05 -14.44
N ASP B 167 -18.10 -13.92 -13.45
CA ASP B 167 -19.19 -13.91 -12.49
C ASP B 167 -19.26 -12.59 -11.70
N VAL B 168 -18.12 -12.10 -11.23
CA VAL B 168 -18.12 -10.87 -10.44
C VAL B 168 -18.47 -9.66 -11.35
N VAL B 169 -17.94 -9.66 -12.56
CA VAL B 169 -18.27 -8.63 -13.57
C VAL B 169 -19.79 -8.56 -13.79
N GLN B 170 -20.39 -9.72 -14.03
CA GLN B 170 -21.82 -9.78 -14.35
C GLN B 170 -22.68 -9.42 -13.13
N SER B 171 -22.24 -9.84 -11.95
CA SER B 171 -22.93 -9.50 -10.70
C SER B 171 -22.88 -8.00 -10.41
N THR B 172 -21.72 -7.39 -10.60
CA THR B 172 -21.59 -5.93 -10.49
C THR B 172 -22.51 -5.22 -11.47
N HIS B 173 -22.52 -5.70 -12.70
CA HIS B 173 -23.40 -5.16 -13.74
C HIS B 173 -24.86 -5.13 -13.30
N VAL B 174 -25.33 -6.18 -12.62
CA VAL B 174 -26.71 -6.23 -12.14
C VAL B 174 -26.92 -5.28 -10.97
N LEU B 175 -25.97 -5.24 -10.04
CA LEU B 175 -26.06 -4.37 -8.88
C LEU B 175 -26.06 -2.89 -9.25
N LEU B 176 -25.35 -2.55 -10.33
CA LEU B 176 -25.32 -1.18 -10.86
C LEU B 176 -26.68 -0.73 -11.35
N SER B 177 -27.52 -1.69 -11.77
CA SER B 177 -28.87 -1.39 -12.26
C SER B 177 -29.95 -1.42 -11.17
N THR B 178 -29.55 -1.53 -9.91
CA THR B 178 -30.48 -1.45 -8.78
C THR B 178 -31.28 -0.14 -8.89
N PRO B 179 -32.63 -0.22 -8.86
CA PRO B 179 -33.42 1.01 -8.98
C PRO B 179 -33.05 2.11 -7.98
N ALA B 180 -32.73 1.73 -6.75
CA ALA B 180 -32.34 2.70 -5.71
C ALA B 180 -31.05 3.45 -6.02
N LEU B 181 -30.24 2.93 -6.96
CA LEU B 181 -29.01 3.60 -7.39
C LEU B 181 -29.15 4.23 -8.78
N GLU B 182 -30.38 4.39 -9.27
CA GLU B 182 -30.59 4.99 -10.58
C GLU B 182 -30.10 6.43 -10.58
N ALA B 183 -29.35 6.79 -11.61
CA ALA B 183 -28.80 8.14 -11.78
C ALA B 183 -27.77 8.56 -10.70
N VAL B 184 -27.25 7.60 -9.94
CA VAL B 184 -26.29 7.92 -8.89
C VAL B 184 -24.88 8.03 -9.47
N PHE B 185 -24.51 7.09 -10.33
CA PHE B 185 -23.15 6.99 -10.85
C PHE B 185 -23.02 7.45 -12.30
N THR B 186 -21.94 8.16 -12.57
CA THR B 186 -21.62 8.62 -13.92
C THR B 186 -21.14 7.46 -14.79
N ASP B 187 -21.06 7.69 -16.09
CA ASP B 187 -20.59 6.67 -17.02
C ASP B 187 -19.16 6.21 -16.69
N LEU B 188 -18.31 7.16 -16.28
CA LEU B 188 -16.93 6.83 -15.92
C LEU B 188 -16.90 5.95 -14.66
N GLU B 189 -17.76 6.26 -13.70
CA GLU B 189 -17.85 5.48 -12.46
C GLU B 189 -18.36 4.06 -12.76
N ILE B 190 -19.30 3.95 -13.68
CA ILE B 190 -19.81 2.66 -14.15
C ILE B 190 -18.69 1.87 -14.84
N LEU B 191 -17.97 2.52 -15.75
CA LEU B 191 -16.82 1.91 -16.42
C LEU B 191 -15.77 1.42 -15.41
N ALA B 192 -15.51 2.22 -14.38
CA ALA B 192 -14.51 1.87 -13.36
C ALA B 192 -14.91 0.63 -12.57
N ALA B 193 -16.17 0.57 -12.15
CA ALA B 193 -16.70 -0.56 -11.39
C ALA B 193 -16.62 -1.87 -12.18
N ILE B 194 -16.93 -1.80 -13.47
CA ILE B 194 -16.93 -2.98 -14.33
C ILE B 194 -15.50 -3.44 -14.66
N PHE B 195 -14.65 -2.48 -15.02
CA PHE B 195 -13.24 -2.80 -15.30
C PHE B 195 -12.57 -3.38 -14.05
N ALA B 196 -12.81 -2.74 -12.90
CA ALA B 196 -12.27 -3.21 -11.62
C ALA B 196 -12.69 -4.64 -11.35
N SER B 197 -13.98 -4.93 -11.57
CA SER B 197 -14.49 -6.30 -11.42
C SER B 197 -13.75 -7.31 -12.30
N ALA B 198 -13.49 -6.93 -13.54
CA ALA B 198 -12.83 -7.83 -14.51
C ALA B 198 -11.40 -8.18 -14.14
N ILE B 199 -10.66 -7.21 -13.61
CA ILE B 199 -9.25 -7.42 -13.28
C ILE B 199 -9.00 -7.82 -11.81
N HIS B 200 -10.05 -7.87 -10.99
CA HIS B 200 -9.86 -7.82 -9.54
C HIS B 200 -9.13 -9.02 -8.93
N ASP B 201 -9.07 -10.15 -9.63
CA ASP B 201 -8.29 -11.34 -9.18
C ASP B 201 -7.29 -11.85 -10.21
N VAL B 202 -6.88 -11.01 -11.16
CA VAL B 202 -6.04 -11.50 -12.27
C VAL B 202 -4.67 -11.99 -11.78
N ASP B 203 -4.20 -13.10 -12.36
CA ASP B 203 -2.93 -13.74 -11.98
C ASP B 203 -2.93 -14.25 -10.53
N HIS B 204 -4.10 -14.64 -10.02
CA HIS B 204 -4.22 -15.20 -8.67
C HIS B 204 -3.56 -16.58 -8.65
N PRO B 205 -2.61 -16.82 -7.72
CA PRO B 205 -1.90 -18.10 -7.67
C PRO B 205 -2.66 -19.23 -6.97
N GLY B 206 -3.79 -18.92 -6.36
CA GLY B 206 -4.63 -19.92 -5.69
C GLY B 206 -4.30 -20.10 -4.22
N VAL B 207 -3.51 -19.19 -3.66
CA VAL B 207 -3.22 -19.17 -2.23
C VAL B 207 -3.49 -17.80 -1.66
N SER B 208 -3.67 -17.74 -0.34
CA SER B 208 -4.09 -16.52 0.34
C SER B 208 -2.92 -15.56 0.56
N ASN B 209 -3.25 -14.31 0.88
CA ASN B 209 -2.25 -13.32 1.30
C ASN B 209 -1.40 -13.85 2.45
N GLN B 210 -2.04 -14.46 3.44
CA GLN B 210 -1.31 -14.98 4.61
C GLN B 210 -0.33 -16.10 4.25
N PHE B 211 -0.70 -16.97 3.31
CA PHE B 211 0.23 -17.98 2.79
C PHE B 211 1.43 -17.32 2.14
N LEU B 212 1.17 -16.30 1.32
CA LEU B 212 2.24 -15.58 0.64
C LEU B 212 3.18 -14.87 1.61
N ILE B 213 2.62 -14.32 2.69
CA ILE B 213 3.42 -13.69 3.73
C ILE B 213 4.25 -14.76 4.46
N ASN B 214 3.59 -15.83 4.89
CA ASN B 214 4.25 -16.89 5.67
C ASN B 214 5.32 -17.69 4.93
N THR B 215 5.26 -17.70 3.60
CA THR B 215 6.25 -18.41 2.78
C THR B 215 7.35 -17.47 2.27
N ASN B 216 7.38 -16.24 2.79
CA ASN B 216 8.35 -15.23 2.38
C ASN B 216 8.41 -15.10 0.86
N SER B 217 7.24 -15.02 0.24
CA SER B 217 7.10 -15.00 -1.20
C SER B 217 7.61 -13.69 -1.79
N GLU B 218 7.94 -13.75 -3.08
CA GLU B 218 8.34 -12.55 -3.82
C GLU B 218 7.25 -11.49 -3.82
N LEU B 219 5.99 -11.92 -3.91
CA LEU B 219 4.87 -10.99 -3.88
C LEU B 219 4.78 -10.24 -2.55
N ALA B 220 4.93 -10.95 -1.44
CA ALA B 220 4.83 -10.33 -0.11
C ALA B 220 6.02 -9.42 0.13
N LEU B 221 7.17 -9.77 -0.44
CA LEU B 221 8.37 -8.94 -0.34
C LEU B 221 8.20 -7.65 -1.15
N MET B 222 7.62 -7.76 -2.34
CA MET B 222 7.33 -6.59 -3.18
C MET B 222 6.37 -5.62 -2.51
N TYR B 223 5.31 -6.16 -1.89
CA TYR B 223 4.20 -5.33 -1.41
C TYR B 223 4.15 -5.13 0.10
N ASN B 224 5.23 -5.53 0.79
CA ASN B 224 5.38 -5.22 2.20
C ASN B 224 4.20 -5.73 3.02
N ASP B 225 3.77 -6.94 2.69
CA ASP B 225 2.74 -7.68 3.42
C ASP B 225 1.34 -7.04 3.42
N SER B 226 1.15 -5.96 2.64
CA SER B 226 -0.08 -5.16 2.68
C SER B 226 -0.89 -5.36 1.40
N SER B 227 -2.10 -5.92 1.52
CA SER B 227 -2.97 -6.24 0.38
C SER B 227 -2.14 -6.78 -0.78
N VAL B 228 -1.40 -7.84 -0.50
CA VAL B 228 -0.37 -8.31 -1.40
C VAL B 228 -0.98 -8.70 -2.75
N LEU B 229 -1.97 -9.58 -2.73
CA LEU B 229 -2.59 -10.05 -3.96
C LEU B 229 -3.32 -8.92 -4.68
N GLU B 230 -4.05 -8.11 -3.93
CA GLU B 230 -4.88 -7.06 -4.52
C GLU B 230 -4.04 -5.99 -5.23
N ASN B 231 -2.89 -5.65 -4.65
CA ASN B 231 -1.95 -4.75 -5.33
C ASN B 231 -1.45 -5.38 -6.63
N HIS B 232 -1.17 -6.68 -6.59
CA HIS B 232 -0.68 -7.40 -7.77
C HIS B 232 -1.74 -7.48 -8.89
N HIS B 233 -2.98 -7.77 -8.52
CA HIS B 233 -4.08 -7.84 -9.50
C HIS B 233 -4.19 -6.51 -10.27
N LEU B 234 -4.15 -5.40 -9.54
CA LEU B 234 -4.18 -4.07 -10.14
C LEU B 234 -2.99 -3.85 -11.07
N ALA B 235 -1.77 -4.14 -10.59
CA ALA B 235 -0.56 -3.92 -11.37
C ALA B 235 -0.60 -4.70 -12.70
N VAL B 236 -1.02 -5.95 -12.64
CA VAL B 236 -1.15 -6.78 -13.83
C VAL B 236 -2.25 -6.23 -14.75
N GLY B 237 -3.44 -6.00 -14.20
CA GLY B 237 -4.57 -5.44 -14.94
C GLY B 237 -4.23 -4.18 -15.72
N PHE B 238 -3.52 -3.26 -15.08
CA PHE B 238 -3.11 -2.01 -15.74
C PHE B 238 -1.98 -2.23 -16.74
N LYS B 239 -1.02 -3.08 -16.39
CA LYS B 239 0.13 -3.33 -17.25
C LYS B 239 -0.26 -3.90 -18.60
N LEU B 240 -1.28 -4.77 -18.61
CA LEU B 240 -1.74 -5.42 -19.85
C LEU B 240 -2.35 -4.45 -20.86
N LEU B 241 -2.79 -3.28 -20.39
CA LEU B 241 -3.24 -2.21 -21.27
C LEU B 241 -2.13 -1.72 -22.21
N GLN B 242 -0.87 -1.93 -21.83
CA GLN B 242 0.28 -1.49 -22.62
C GLN B 242 0.75 -2.49 -23.67
N GLU B 243 0.09 -3.65 -23.74
CA GLU B 243 0.40 -4.62 -24.79
C GLU B 243 -0.17 -4.14 -26.13
N GLU B 244 0.32 -4.71 -27.23
CA GLU B 244 -0.07 -4.25 -28.57
C GLU B 244 -1.59 -4.30 -28.78
N ASN B 245 -2.16 -3.16 -29.15
CA ASN B 245 -3.60 -3.00 -29.40
C ASN B 245 -4.47 -3.43 -28.21
N CYS B 246 -4.02 -3.12 -27.00
CA CYS B 246 -4.76 -3.47 -25.78
C CYS B 246 -5.25 -2.26 -24.98
N ASP B 247 -4.89 -1.04 -25.38
CA ASP B 247 -5.27 0.14 -24.61
C ASP B 247 -6.70 0.56 -24.91
N ILE B 248 -7.63 -0.05 -24.21
CA ILE B 248 -9.05 0.23 -24.38
C ILE B 248 -9.42 1.66 -23.94
N PHE B 249 -8.52 2.32 -23.19
CA PHE B 249 -8.76 3.69 -22.73
C PHE B 249 -8.01 4.74 -23.55
N GLN B 250 -7.56 4.37 -24.76
CA GLN B 250 -6.78 5.26 -25.61
C GLN B 250 -7.47 6.58 -25.98
N ASN B 251 -8.81 6.57 -26.03
CA ASN B 251 -9.57 7.77 -26.40
C ASN B 251 -10.26 8.49 -25.22
N LEU B 252 -9.96 8.05 -24.00
CA LEU B 252 -10.32 8.83 -22.82
C LEU B 252 -9.40 10.03 -22.75
N THR B 253 -9.89 11.12 -22.18
CA THR B 253 -9.06 12.29 -21.96
C THR B 253 -8.04 11.98 -20.86
N LYS B 254 -7.08 12.89 -20.68
CA LYS B 254 -6.05 12.72 -19.66
C LYS B 254 -6.66 12.67 -18.26
N LYS B 255 -7.61 13.58 -18.00
CA LYS B 255 -8.30 13.66 -16.71
C LYS B 255 -9.19 12.45 -16.46
N GLN B 256 -9.85 11.97 -17.51
CA GLN B 256 -10.70 10.78 -17.40
C GLN B 256 -9.89 9.54 -17.04
N ARG B 257 -8.72 9.39 -17.66
CA ARG B 257 -7.82 8.26 -17.38
C ARG B 257 -7.31 8.31 -15.96
N GLN B 258 -6.91 9.50 -15.51
CA GLN B 258 -6.47 9.72 -14.13
C GLN B 258 -7.56 9.36 -13.11
N SER B 259 -8.78 9.82 -13.36
CA SER B 259 -9.90 9.57 -12.45
C SER B 259 -10.26 8.08 -12.40
N LEU B 260 -10.35 7.47 -13.58
CA LEU B 260 -10.67 6.04 -13.72
C LEU B 260 -9.65 5.19 -12.96
N ARG B 261 -8.37 5.47 -13.17
CA ARG B 261 -7.30 4.72 -12.51
C ARG B 261 -7.44 4.77 -11.00
N LYS B 262 -7.70 5.96 -10.47
CA LYS B 262 -7.85 6.12 -9.02
C LYS B 262 -9.03 5.31 -8.50
N MET B 263 -10.16 5.41 -9.18
CA MET B 263 -11.36 4.68 -8.77
C MET B 263 -11.15 3.17 -8.83
N VAL B 264 -10.53 2.69 -9.90
CA VAL B 264 -10.28 1.25 -10.03
C VAL B 264 -9.37 0.75 -8.91
N ILE B 265 -8.33 1.51 -8.59
CA ILE B 265 -7.41 1.14 -7.50
C ILE B 265 -8.19 1.08 -6.18
N ASP B 266 -9.00 2.11 -5.90
CA ASP B 266 -9.78 2.17 -4.67
C ASP B 266 -10.73 0.97 -4.55
N ILE B 267 -11.31 0.57 -5.66
CA ILE B 267 -12.27 -0.54 -5.66
C ILE B 267 -11.58 -1.89 -5.45
N VAL B 268 -10.53 -2.18 -6.22
CA VAL B 268 -9.87 -3.49 -6.10
C VAL B 268 -9.19 -3.66 -4.74
N LEU B 269 -8.58 -2.60 -4.21
CA LEU B 269 -7.99 -2.70 -2.87
C LEU B 269 -9.05 -3.04 -1.82
N ALA B 270 -10.29 -2.58 -2.02
CA ALA B 270 -11.39 -2.91 -1.12
C ALA B 270 -11.86 -4.37 -1.18
N THR B 271 -11.36 -5.16 -2.13
CA THR B 271 -11.71 -6.59 -2.18
C THR B 271 -10.88 -7.46 -1.23
N ASP B 272 -9.84 -6.88 -0.63
CA ASP B 272 -9.06 -7.56 0.42
C ASP B 272 -9.96 -7.81 1.63
N MET B 273 -10.12 -9.07 2.02
CA MET B 273 -11.01 -9.42 3.13
C MET B 273 -10.61 -8.81 4.47
N SER B 274 -9.35 -8.42 4.62
CA SER B 274 -8.92 -7.77 5.87
C SER B 274 -9.55 -6.39 6.05
N LYS B 275 -10.15 -5.86 4.98
CA LYS B 275 -10.88 -4.58 5.03
C LYS B 275 -12.40 -4.73 5.14
N HIS B 276 -12.90 -5.97 5.19
CA HIS B 276 -14.34 -6.22 5.20
C HIS B 276 -15.09 -5.51 6.32
N MET B 277 -14.58 -5.63 7.55
CA MET B 277 -15.27 -5.10 8.73
C MET B 277 -15.37 -3.57 8.72
N ASN B 278 -14.29 -2.89 8.37
CA ASN B 278 -14.32 -1.43 8.25
C ASN B 278 -15.23 -0.97 7.11
N LEU B 279 -15.19 -1.70 6.00
CA LEU B 279 -16.04 -1.42 4.84
C LEU B 279 -17.52 -1.54 5.20
N LEU B 280 -17.86 -2.61 5.93
CA LEU B 280 -19.24 -2.83 6.39
C LEU B 280 -19.68 -1.77 7.39
N ALA B 281 -18.80 -1.45 8.35
CA ALA B 281 -19.08 -0.42 9.35
C ALA B 281 -19.44 0.92 8.71
N ASP B 282 -18.71 1.29 7.66
CA ASP B 282 -18.99 2.51 6.91
C ASP B 282 -20.25 2.40 6.06
N LEU B 283 -20.52 1.21 5.51
CA LEU B 283 -21.77 0.98 4.79
C LEU B 283 -22.97 1.17 5.72
N LYS B 284 -22.87 0.66 6.94
CA LYS B 284 -23.92 0.81 7.94
C LYS B 284 -24.16 2.29 8.27
N THR B 285 -23.07 3.03 8.46
CA THR B 285 -23.14 4.47 8.75
C THR B 285 -23.94 5.20 7.68
N MET B 286 -23.67 4.87 6.41
CA MET B 286 -24.40 5.48 5.30
C MET B 286 -25.88 5.18 5.35
N VAL B 287 -26.24 3.93 5.65
CA VAL B 287 -27.63 3.52 5.75
C VAL B 287 -28.35 4.33 6.84
N GLU B 288 -27.69 4.55 7.97
CA GLU B 288 -28.25 5.32 9.08
C GLU B 288 -28.51 6.78 8.69
N THR B 289 -27.58 7.35 7.93
CA THR B 289 -27.68 8.74 7.48
C THR B 289 -28.12 8.83 6.01
N LYS B 290 -28.87 7.84 5.56
CA LYS B 290 -29.29 7.74 4.16
C LYS B 290 -30.22 8.90 3.77
N LYS B 291 -30.12 9.33 2.51
CA LYS B 291 -30.99 10.36 1.95
C LYS B 291 -31.47 9.93 0.57
N VAL B 292 -32.78 10.08 0.32
CA VAL B 292 -33.41 9.55 -0.90
C VAL B 292 -34.34 10.54 -1.61
N THR B 293 -34.62 10.28 -2.88
CA THR B 293 -35.47 11.13 -3.72
C THR B 293 -36.13 10.30 -4.82
N SER B 294 -36.59 10.95 -5.89
CA SER B 294 -37.05 10.29 -7.12
C SER B 294 -37.50 8.84 -6.94
N SER B 295 -38.58 8.65 -6.19
CA SER B 295 -39.12 7.31 -5.90
C SER B 295 -38.13 6.44 -5.12
N GLY B 296 -37.63 6.97 -4.01
CA GLY B 296 -36.72 6.24 -3.13
C GLY B 296 -35.31 6.01 -3.66
N VAL B 297 -34.87 6.87 -4.59
CA VAL B 297 -33.53 6.79 -5.16
C VAL B 297 -32.50 7.43 -4.23
N LEU B 298 -31.32 6.81 -4.16
CA LEU B 298 -30.26 7.24 -3.25
C LEU B 298 -29.59 8.53 -3.75
N LEU B 299 -29.28 9.42 -2.81
CA LEU B 299 -28.62 10.69 -3.13
C LEU B 299 -27.22 10.70 -2.50
N LEU B 300 -26.19 10.59 -3.35
CA LEU B 300 -24.80 10.58 -2.89
C LEU B 300 -24.03 11.72 -3.53
N ASP B 301 -23.78 12.78 -2.77
CA ASP B 301 -23.18 13.97 -3.34
C ASP B 301 -21.66 13.92 -3.47
N ASN B 302 -20.97 13.48 -2.42
CA ASN B 302 -19.51 13.56 -2.42
C ASN B 302 -18.84 12.25 -2.85
N TYR B 303 -17.66 12.38 -3.42
CA TYR B 303 -16.90 11.25 -3.95
C TYR B 303 -16.68 10.18 -2.87
N SER B 304 -16.34 10.60 -1.66
CA SER B 304 -16.07 9.66 -0.56
C SER B 304 -17.22 8.68 -0.32
N ASP B 305 -18.46 9.15 -0.46
CA ASP B 305 -19.62 8.30 -0.29
C ASP B 305 -19.85 7.45 -1.53
N ARG B 306 -19.70 8.03 -2.71
CA ARG B 306 -19.89 7.30 -3.96
C ARG B 306 -18.87 6.18 -4.16
N ILE B 307 -17.60 6.44 -3.86
CA ILE B 307 -16.58 5.39 -4.00
C ILE B 307 -16.82 4.28 -2.98
N GLN B 308 -17.29 4.66 -1.79
CA GLN B 308 -17.59 3.70 -0.74
C GLN B 308 -18.70 2.74 -1.16
N VAL B 309 -19.72 3.27 -1.86
CA VAL B 309 -20.80 2.41 -2.36
C VAL B 309 -20.28 1.47 -3.44
N LEU B 310 -19.44 1.99 -4.34
CA LEU B 310 -18.84 1.16 -5.40
C LEU B 310 -17.92 0.09 -4.82
N GLN B 311 -17.16 0.44 -3.79
CA GLN B 311 -16.31 -0.53 -3.08
C GLN B 311 -17.15 -1.66 -2.50
N ASN B 312 -18.19 -1.30 -1.76
CA ASN B 312 -19.09 -2.30 -1.17
C ASN B 312 -19.85 -3.09 -2.23
N MET B 313 -20.18 -2.44 -3.34
CA MET B 313 -20.88 -3.11 -4.42
C MET B 313 -20.05 -4.24 -5.02
N VAL B 314 -18.81 -3.93 -5.38
CA VAL B 314 -17.94 -4.94 -5.99
C VAL B 314 -17.56 -5.99 -4.95
N HIS B 315 -17.45 -5.57 -3.69
CA HIS B 315 -17.25 -6.50 -2.57
C HIS B 315 -18.44 -7.45 -2.41
N CYS B 316 -19.66 -6.92 -2.50
CA CYS B 316 -20.88 -7.75 -2.51
C CYS B 316 -20.88 -8.75 -3.66
N ALA B 317 -20.52 -8.28 -4.85
CA ALA B 317 -20.41 -9.13 -6.04
C ALA B 317 -19.38 -10.25 -5.84
N ASP B 318 -18.25 -9.90 -5.22
CA ASP B 318 -17.20 -10.88 -4.88
C ASP B 318 -17.74 -11.92 -3.89
N LEU B 319 -18.61 -11.49 -2.98
CA LEU B 319 -19.22 -12.36 -1.98
C LEU B 319 -20.68 -12.72 -2.33
N SER B 320 -20.95 -12.90 -3.61
CA SER B 320 -22.31 -13.16 -4.09
C SER B 320 -22.64 -14.64 -4.28
N ASN B 321 -21.66 -15.53 -4.19
CA ASN B 321 -21.91 -16.95 -4.48
C ASN B 321 -23.10 -17.53 -3.68
N PRO B 322 -23.16 -17.28 -2.35
CA PRO B 322 -24.25 -17.83 -1.55
C PRO B 322 -25.64 -17.22 -1.80
N THR B 323 -25.69 -16.11 -2.54
CA THR B 323 -26.95 -15.48 -2.92
C THR B 323 -27.47 -15.94 -4.29
N LYS B 324 -26.75 -16.83 -4.94
CA LYS B 324 -27.12 -17.32 -6.26
C LYS B 324 -27.96 -18.58 -6.14
N PRO B 325 -28.67 -18.94 -7.21
CA PRO B 325 -29.40 -20.22 -7.20
C PRO B 325 -28.49 -21.36 -6.74
N LEU B 326 -29.06 -22.25 -5.93
CA LEU B 326 -28.28 -23.28 -5.23
C LEU B 326 -27.36 -24.09 -6.14
N GLN B 327 -27.83 -24.43 -7.34
CA GLN B 327 -27.05 -25.19 -8.31
C GLN B 327 -25.70 -24.51 -8.61
N LEU B 328 -25.74 -23.19 -8.76
CA LEU B 328 -24.53 -22.38 -8.95
C LEU B 328 -23.68 -22.31 -7.68
N TYR B 329 -24.33 -22.00 -6.56
CA TYR B 329 -23.64 -21.85 -5.27
C TYR B 329 -22.85 -23.11 -4.91
N ARG B 330 -23.48 -24.27 -5.07
CA ARG B 330 -22.80 -25.52 -4.76
C ARG B 330 -21.55 -25.76 -5.62
N GLN B 331 -21.60 -25.35 -6.88
CA GLN B 331 -20.42 -25.44 -7.75
C GLN B 331 -19.31 -24.51 -7.27
N TRP B 332 -19.67 -23.30 -6.84
CA TRP B 332 -18.67 -22.37 -6.28
C TRP B 332 -18.06 -22.92 -5.00
N THR B 333 -18.89 -23.54 -4.16
CA THR B 333 -18.40 -24.14 -2.92
C THR B 333 -17.43 -25.30 -3.20
N ASP B 334 -17.75 -26.14 -4.17
CA ASP B 334 -16.84 -27.23 -4.58
C ASP B 334 -15.49 -26.67 -5.00
N ARG B 335 -15.53 -25.58 -5.78
CA ARG B 335 -14.31 -24.97 -6.30
C ARG B 335 -13.45 -24.30 -5.22
N ILE B 336 -14.08 -23.54 -4.31
CA ILE B 336 -13.28 -22.89 -3.26
C ILE B 336 -12.66 -23.94 -2.34
N MET B 337 -13.39 -25.03 -2.08
CA MET B 337 -12.85 -26.07 -1.19
C MET B 337 -11.69 -26.81 -1.85
N GLU B 338 -11.77 -27.05 -3.16
CA GLU B 338 -10.66 -27.64 -3.90
C GLU B 338 -9.42 -26.73 -3.83
N GLU B 339 -9.63 -25.43 -4.00
CA GLU B 339 -8.53 -24.48 -3.95
C GLU B 339 -7.93 -24.41 -2.55
N PHE B 340 -8.79 -24.32 -1.53
CA PHE B 340 -8.37 -24.31 -0.14
C PHE B 340 -7.59 -25.57 0.23
N PHE B 341 -8.12 -26.73 -0.17
CA PHE B 341 -7.45 -28.00 0.13
C PHE B 341 -6.07 -28.10 -0.54
N ARG B 342 -5.94 -27.59 -1.76
CA ARG B 342 -4.62 -27.56 -2.42
C ARG B 342 -3.64 -26.66 -1.69
N GLN B 343 -4.12 -25.54 -1.16
CA GLN B 343 -3.26 -24.71 -0.29
C GLN B 343 -2.82 -25.51 0.92
N GLY B 344 -3.77 -26.19 1.56
CA GLY B 344 -3.48 -27.01 2.74
C GLY B 344 -2.49 -28.13 2.46
N ASP B 345 -2.52 -28.68 1.25
CA ASP B 345 -1.56 -29.70 0.83
C ASP B 345 -0.15 -29.10 0.70
N ARG B 346 -0.06 -27.89 0.14
CA ARG B 346 1.22 -27.18 0.06
C ARG B 346 1.76 -26.87 1.46
N GLU B 347 0.86 -26.46 2.36
CA GLU B 347 1.24 -26.15 3.75
C GLU B 347 1.74 -27.39 4.51
N ARG B 348 0.97 -28.47 4.46
CA ARG B 348 1.32 -29.69 5.20
C ARG B 348 2.64 -30.27 4.70
N GLU B 349 2.86 -30.20 3.38
CA GLU B 349 4.11 -30.65 2.77
C GLU B 349 5.31 -29.83 3.24
N ARG B 350 5.12 -28.51 3.35
CA ARG B 350 6.18 -27.61 3.81
C ARG B 350 6.41 -27.65 5.32
N GLY B 351 5.58 -28.41 6.05
CA GLY B 351 5.65 -28.43 7.51
C GLY B 351 5.07 -27.16 8.12
N MET B 352 4.10 -26.56 7.43
CA MET B 352 3.44 -25.36 7.92
C MET B 352 2.16 -25.74 8.65
N GLU B 353 1.72 -24.86 9.54
CA GLU B 353 0.41 -24.97 10.16
C GLU B 353 -0.64 -24.84 9.05
N ILE B 354 -1.54 -25.82 8.96
CA ILE B 354 -2.55 -25.81 7.91
C ILE B 354 -3.61 -24.75 8.23
N SER B 355 -3.97 -23.95 7.24
CA SER B 355 -4.89 -22.82 7.42
C SER B 355 -6.31 -23.32 7.70
N PRO B 356 -7.13 -22.50 8.39
CA PRO B 356 -8.51 -22.89 8.62
C PRO B 356 -9.23 -23.26 7.33
N MET B 357 -10.00 -24.35 7.38
CA MET B 357 -10.79 -24.84 6.24
C MET B 357 -9.95 -25.40 5.08
N CYS B 358 -8.63 -25.53 5.27
CA CYS B 358 -7.74 -26.00 4.21
C CYS B 358 -7.25 -27.43 4.39
N ASP B 359 -7.69 -28.08 5.47
CA ASP B 359 -7.29 -29.47 5.73
C ASP B 359 -8.37 -30.44 5.24
N LYS B 360 -8.10 -31.12 4.14
CA LYS B 360 -9.04 -32.08 3.56
C LYS B 360 -9.36 -33.26 4.48
N HIS B 361 -8.41 -33.62 5.37
CA HIS B 361 -8.62 -34.70 6.33
C HIS B 361 -9.41 -34.26 7.56
N ASN B 362 -9.55 -32.95 7.76
CA ASN B 362 -10.32 -32.41 8.88
C ASN B 362 -11.08 -31.14 8.48
N ALA B 363 -12.11 -31.32 7.67
CA ALA B 363 -12.93 -30.21 7.19
C ALA B 363 -14.41 -30.48 7.45
N SER B 364 -15.18 -29.40 7.51
CA SER B 364 -16.63 -29.48 7.64
C SER B 364 -17.19 -28.43 6.69
N VAL B 365 -17.35 -28.84 5.43
CA VAL B 365 -17.68 -27.91 4.34
C VAL B 365 -19.01 -27.21 4.58
N GLU B 366 -20.00 -27.96 5.06
CA GLU B 366 -21.34 -27.44 5.22
C GLU B 366 -21.42 -26.48 6.40
N LYS B 367 -20.83 -26.87 7.52
CA LYS B 367 -20.77 -26.01 8.71
C LYS B 367 -20.03 -24.72 8.39
N SER B 368 -18.96 -24.81 7.61
CA SER B 368 -18.17 -23.64 7.23
C SER B 368 -18.99 -22.67 6.38
N GLN B 369 -19.76 -23.19 5.41
CA GLN B 369 -20.63 -22.33 4.59
C GLN B 369 -21.69 -21.61 5.43
N VAL B 370 -22.30 -22.32 6.39
CA VAL B 370 -23.30 -21.70 7.25
C VAL B 370 -22.67 -20.58 8.09
N GLY B 371 -21.48 -20.85 8.63
CA GLY B 371 -20.74 -19.81 9.36
C GLY B 371 -20.38 -18.62 8.50
N PHE B 372 -19.95 -18.90 7.28
CA PHE B 372 -19.61 -17.88 6.28
C PHE B 372 -20.81 -16.96 6.02
N ILE B 373 -21.97 -17.56 5.83
CA ILE B 373 -23.19 -16.80 5.63
C ILE B 373 -23.55 -15.98 6.87
N ASP B 374 -23.52 -16.63 8.04
CA ASP B 374 -23.98 -15.98 9.27
C ASP B 374 -23.08 -14.82 9.69
N TYR B 375 -21.77 -14.98 9.55
CA TYR B 375 -20.83 -13.99 10.09
C TYR B 375 -20.28 -12.99 9.07
N ILE B 376 -20.30 -13.34 7.79
CA ILE B 376 -19.74 -12.46 6.75
C ILE B 376 -20.77 -12.05 5.69
N VAL B 377 -21.36 -13.03 5.01
CA VAL B 377 -22.15 -12.75 3.82
C VAL B 377 -23.52 -12.13 4.13
N HIS B 378 -24.25 -12.69 5.09
CA HIS B 378 -25.56 -12.14 5.42
C HIS B 378 -25.47 -10.74 6.06
N PRO B 379 -24.55 -10.53 7.02
CA PRO B 379 -24.42 -9.17 7.54
C PRO B 379 -24.16 -8.11 6.46
N LEU B 380 -23.33 -8.46 5.47
CA LEU B 380 -23.04 -7.56 4.36
C LEU B 380 -24.28 -7.32 3.49
N TRP B 381 -24.89 -8.40 3.03
CA TRP B 381 -26.04 -8.30 2.13
C TRP B 381 -27.29 -7.75 2.81
N GLU B 382 -27.41 -7.97 4.11
CA GLU B 382 -28.50 -7.39 4.89
C GLU B 382 -28.35 -5.87 4.96
N THR B 383 -27.11 -5.43 5.14
CA THR B 383 -26.81 -3.99 5.16
C THR B 383 -26.99 -3.37 3.76
N TRP B 384 -26.49 -4.06 2.73
CA TRP B 384 -26.70 -3.60 1.35
C TRP B 384 -28.19 -3.53 0.99
N ALA B 385 -28.95 -4.54 1.40
CA ALA B 385 -30.39 -4.55 1.13
C ALA B 385 -31.10 -3.34 1.73
N ASP B 386 -30.70 -2.96 2.94
CA ASP B 386 -31.23 -1.76 3.60
C ASP B 386 -30.90 -0.48 2.82
N LEU B 387 -29.68 -0.40 2.30
CA LEU B 387 -29.25 0.76 1.51
C LEU B 387 -30.13 0.95 0.27
N VAL B 388 -30.42 -0.16 -0.43
CA VAL B 388 -31.22 -0.10 -1.67
C VAL B 388 -32.66 -0.59 -1.45
N HIS B 389 -33.12 -0.56 -0.20
CA HIS B 389 -34.42 -1.10 0.20
C HIS B 389 -35.54 -0.64 -0.72
N PRO B 390 -36.37 -1.56 -1.23
CA PRO B 390 -36.27 -3.00 -0.99
C PRO B 390 -35.83 -3.78 -2.24
N ASP B 391 -34.93 -3.20 -3.03
CA ASP B 391 -34.56 -3.77 -4.34
C ASP B 391 -33.77 -5.08 -4.26
N ALA B 392 -33.10 -5.34 -3.14
CA ALA B 392 -32.28 -6.55 -3.01
C ALA B 392 -33.01 -7.67 -2.25
N GLN B 393 -34.34 -7.62 -2.23
CA GLN B 393 -35.11 -8.59 -1.45
C GLN B 393 -35.00 -10.01 -2.02
N ASP B 394 -35.09 -10.13 -3.34
CA ASP B 394 -35.01 -11.44 -3.99
C ASP B 394 -33.63 -12.10 -3.81
N ILE B 395 -32.59 -11.27 -3.78
CA ILE B 395 -31.22 -11.75 -3.55
C ILE B 395 -31.09 -12.24 -2.11
N LEU B 396 -31.58 -11.43 -1.18
CA LEU B 396 -31.56 -11.77 0.25
C LEU B 396 -32.42 -13.01 0.53
N ASP B 397 -33.52 -13.16 -0.21
CA ASP B 397 -34.38 -14.35 -0.11
C ASP B 397 -33.63 -15.62 -0.51
N THR B 398 -32.91 -15.55 -1.63
CA THR B 398 -32.14 -16.68 -2.13
C THR B 398 -31.05 -17.06 -1.13
N LEU B 399 -30.36 -16.06 -0.57
CA LEU B 399 -29.33 -16.30 0.44
C LEU B 399 -29.87 -17.05 1.66
N GLU B 400 -31.03 -16.61 2.15
CA GLU B 400 -31.65 -17.23 3.31
C GLU B 400 -32.13 -18.66 3.01
N ASP B 401 -32.66 -18.88 1.81
CA ASP B 401 -33.04 -20.23 1.35
C ASP B 401 -31.81 -21.15 1.30
N ASN B 402 -30.70 -20.63 0.77
CA ASN B 402 -29.49 -21.43 0.65
C ASN B 402 -28.86 -21.76 1.98
N ARG B 403 -28.91 -20.81 2.92
CA ARG B 403 -28.44 -21.04 4.28
C ARG B 403 -29.27 -22.14 4.95
N GLU B 404 -30.59 -22.09 4.79
CA GLU B 404 -31.48 -23.12 5.31
C GLU B 404 -31.13 -24.50 4.74
N TRP B 405 -30.86 -24.56 3.44
CA TRP B 405 -30.52 -25.83 2.80
C TRP B 405 -29.20 -26.38 3.33
N TYR B 406 -28.15 -25.56 3.33
CA TYR B 406 -26.86 -26.03 3.84
C TYR B 406 -26.98 -26.51 5.29
N GLN B 407 -27.72 -25.78 6.12
CA GLN B 407 -27.92 -26.19 7.51
C GLN B 407 -28.61 -27.56 7.57
N SER B 408 -29.58 -27.78 6.68
CA SER B 408 -30.30 -29.07 6.64
C SER B 408 -29.41 -30.27 6.25
N THR B 409 -28.28 -30.03 5.58
CA THR B 409 -27.35 -31.12 5.27
C THR B 409 -26.46 -31.51 6.47
N ILE B 410 -26.51 -30.73 7.55
CA ILE B 410 -25.78 -31.05 8.78
C ILE B 410 -26.67 -31.90 9.69
N PRO B 411 -26.28 -33.16 9.95
CA PRO B 411 -27.07 -33.99 10.86
C PRO B 411 -27.06 -33.48 12.29
N GLN B 412 -28.07 -33.83 13.07
CA GLN B 412 -28.11 -33.43 14.49
C GLN B 412 -27.07 -34.19 15.32
C1 AKJ C . 16.87 21.53 2.99
O2 AKJ C . 13.82 21.66 0.40
C3 AKJ C . 13.99 20.43 0.97
C4 AKJ C . 13.20 19.33 0.63
C5 AKJ C . 13.40 18.10 1.23
C6 AKJ C . 14.41 17.97 2.20
C7 AKJ C . 15.20 19.08 2.55
C8 AKJ C . 12.84 21.89 -0.61
C10 AKJ C . 11.66 23.75 0.23
C11 AKJ C . 11.53 22.25 0.05
C14 AKJ C . 11.33 15.32 2.13
C16 AKJ C . 11.31 13.92 2.76
F1 AKJ C . 17.80 20.66 2.51
F2 AKJ C . 16.54 21.18 4.27
O1 AKJ C . 15.69 21.47 2.19
C2 AKJ C . 14.98 20.32 1.93
O3 AKJ C . 12.57 24.22 -0.78
C9 AKJ C . 13.24 23.12 -1.40
C12 AKJ C . 12.53 16.96 0.77
O4 AKJ C . 11.68 17.16 -0.09
C13 AKJ C . 12.61 15.57 1.35
C15 AKJ C . 11.10 16.41 3.18
ZN ZN D . 14.96 10.68 3.41
MG MG E . 11.97 9.29 1.26
MG MG F . 24.75 2.96 -6.06
C1 AKJ G . -18.75 -20.32 -1.50
O2 AKJ G . -15.94 -20.30 1.34
C3 AKJ G . -15.82 -19.28 0.45
C4 AKJ G . -14.78 -18.35 0.52
C5 AKJ G . -14.70 -17.34 -0.42
C6 AKJ G . -15.65 -17.25 -1.43
C7 AKJ G . -16.68 -18.18 -1.50
C8 AKJ G . -14.99 -20.56 2.37
C10 AKJ G . -16.29 -20.73 4.36
C11 AKJ G . -15.38 -19.77 3.60
C14 AKJ G . -12.45 -14.16 -0.69
C16 AKJ G . -10.99 -14.55 -0.93
F1 AKJ G . -18.19 -20.60 -2.71
F2 AKJ G . -19.48 -19.17 -1.56
O1 AKJ G . -17.74 -20.16 -0.53
C2 AKJ G . -16.76 -19.20 -0.56
O3 AKJ G . -15.95 -22.04 3.93
C9 AKJ G . -15.13 -22.01 2.77
C12 AKJ G . -13.55 -16.37 -0.28
O4 AKJ G . -12.76 -16.53 0.64
C13 AKJ G . -13.39 -15.22 -1.25
C15 AKJ G . -12.81 -12.79 -1.28
ZN ZN H . -12.72 -12.38 -6.28
MG MG I . -9.39 -11.27 -4.44
#